data_3V00
#
_entry.id   3V00
#
_cell.length_a   93.173
_cell.length_b   93.173
_cell.length_c   380.580
_cell.angle_alpha   90.00
_cell.angle_beta   90.00
_cell.angle_gamma   90.00
#
_symmetry.space_group_name_H-M   'P 43 21 2'
#
loop_
_entity.id
_entity.type
_entity.pdbx_description
1 polymer 'Guanine nucleotide-binding protein G(t) subunit alpha-1/ Guanine nucleotide-binding protein G(i) subunit alpha-1 chimeric protein'
2 non-polymer "GUANOSINE-5'-DIPHOSPHATE"
3 water water
#
_entity_poly.entity_id   1
_entity_poly.type   'polypeptide(L)'
_entity_poly.pdbx_seq_one_letter_code
;HHHHHHMGAGASAEEKHSRELEKKLKEDAEKDARTVKLLLLGAGESGKSTIVKQMKIIHQDPYSLEECLEFIAIIYGNTL
QSILAIVRAMTTLNIQYGDSARQDDARKLMHMADTIEEGTMPKEMSDIIQRLWKDSGIQACFDRASEYQLNDSAGYYLSD
LERLVTPGYVPTEQDVLRSRVKTTGIIETQFSFKDLNFRMFDVGGQRSERKKWIHCFEGVTAIIFCVALSDYDLVLAEDE
EMNRMHESMHLFNSICNNKWFTDTSIILFLNKKDLFEEKIKKSPLTICYPEYAGSNTYEEAGNYIKVQFLELNMRRDVKE
IYSHMTCATDTQNVKFVFDAVTDIIIKENLKDCGLF
;
_entity_poly.pdbx_strand_id   C,B,A
#
loop_
_chem_comp.id
_chem_comp.type
_chem_comp.name
_chem_comp.formula
GDP RNA linking GUANOSINE-5'-DIPHOSPHATE 'C10 H15 N5 O11 P2'
#
# COMPACT_ATOMS: atom_id res chain seq x y z
N HIS A 4 61.04 -31.23 -16.97
CA HIS A 4 61.21 -32.50 -16.20
C HIS A 4 61.91 -32.28 -14.86
N HIS A 5 62.96 -31.47 -14.86
CA HIS A 5 63.64 -31.13 -13.61
C HIS A 5 63.08 -29.83 -13.05
N HIS A 6 62.47 -29.92 -11.86
CA HIS A 6 61.79 -28.79 -11.25
C HIS A 6 62.75 -27.75 -10.66
N MET A 7 63.70 -28.21 -9.87
CA MET A 7 64.70 -27.33 -9.27
C MET A 7 65.78 -26.91 -10.27
N GLY A 8 65.86 -27.63 -11.38
CA GLY A 8 66.82 -27.32 -12.44
C GLY A 8 66.29 -26.28 -13.41
N ALA A 9 65.40 -26.70 -14.30
CA ALA A 9 64.81 -25.80 -15.28
C ALA A 9 65.03 -26.26 -16.72
N GLY A 10 64.03 -26.04 -17.56
CA GLY A 10 64.12 -26.41 -18.97
C GLY A 10 63.14 -25.66 -19.86
N ALA A 11 63.38 -24.37 -20.03
CA ALA A 11 62.53 -23.51 -20.87
C ALA A 11 63.22 -22.18 -21.18
N SER A 12 63.19 -21.78 -22.44
CA SER A 12 63.75 -20.48 -22.84
C SER A 12 65.02 -20.60 -23.67
N ALA A 13 65.63 -19.45 -23.96
CA ALA A 13 66.85 -19.42 -24.76
C ALA A 13 67.67 -18.14 -24.62
N GLU A 14 68.51 -18.11 -23.59
CA GLU A 14 69.46 -17.01 -23.36
C GLU A 14 68.82 -15.63 -23.21
N GLU A 15 67.52 -15.58 -22.95
CA GLU A 15 66.85 -14.32 -22.65
C GLU A 15 66.85 -14.06 -21.15
N LYS A 16 66.57 -15.11 -20.37
CA LYS A 16 66.52 -15.00 -18.91
C LYS A 16 67.78 -15.56 -18.24
N HIS A 17 68.44 -14.71 -17.45
CA HIS A 17 69.63 -15.10 -16.70
C HIS A 17 69.66 -14.37 -15.34
N SER A 18 70.51 -14.83 -14.44
CA SER A 18 70.60 -14.24 -13.09
C SER A 18 69.47 -14.68 -12.19
N ARG A 19 69.39 -14.09 -11.00
CA ARG A 19 68.34 -14.47 -10.05
C ARG A 19 67.01 -13.81 -10.38
N GLU A 20 65.92 -14.48 -10.07
CA GLU A 20 64.60 -14.04 -10.48
C GLU A 20 63.72 -13.63 -9.31
N LEU A 21 62.65 -12.92 -9.63
CA LEU A 21 61.72 -12.42 -8.62
C LEU A 21 60.28 -12.77 -8.95
N GLU A 22 59.92 -14.03 -8.75
CA GLU A 22 58.54 -14.47 -8.77
C GLU A 22 58.01 -14.42 -7.35
N LYS A 23 58.93 -14.27 -6.41
CA LYS A 23 58.57 -14.07 -5.01
C LYS A 23 58.39 -12.57 -4.78
N LYS A 24 58.43 -11.83 -5.88
CA LYS A 24 58.02 -10.43 -5.89
C LYS A 24 56.58 -10.39 -6.36
N LEU A 25 56.26 -11.28 -7.29
CA LEU A 25 54.87 -11.52 -7.69
C LEU A 25 54.08 -12.15 -6.55
N LYS A 26 54.63 -12.11 -5.33
CA LYS A 26 53.90 -12.57 -4.16
C LYS A 26 52.90 -11.51 -3.73
N GLU A 27 53.10 -10.29 -4.23
CA GLU A 27 52.18 -9.18 -3.97
C GLU A 27 50.93 -9.35 -4.82
N ASP A 28 50.96 -10.34 -5.69
CA ASP A 28 49.76 -10.76 -6.41
C ASP A 28 48.80 -11.38 -5.41
N ALA A 29 49.34 -12.17 -4.48
CA ALA A 29 48.56 -12.75 -3.40
C ALA A 29 48.18 -11.69 -2.38
N GLU A 30 48.94 -10.60 -2.36
CA GLU A 30 48.65 -9.49 -1.47
C GLU A 30 47.52 -8.64 -2.03
N LYS A 31 47.22 -8.85 -3.30
CA LYS A 31 46.06 -8.22 -3.94
C LYS A 31 44.76 -8.67 -3.25
N ASP A 32 44.24 -7.81 -2.40
CA ASP A 32 42.98 -8.11 -1.71
C ASP A 32 41.87 -7.18 -2.14
N ALA A 33 41.20 -7.58 -3.21
CA ALA A 33 40.01 -6.88 -3.68
C ALA A 33 38.79 -7.44 -2.96
N ARG A 34 38.97 -8.55 -2.26
CA ARG A 34 37.91 -9.11 -1.42
C ARG A 34 37.83 -8.36 -0.08
N THR A 35 38.57 -7.25 0.00
CA THR A 35 38.52 -6.39 1.18
C THR A 35 37.54 -5.24 0.94
N VAL A 36 36.64 -5.04 1.91
CA VAL A 36 35.64 -3.99 1.79
C VAL A 36 35.65 -3.09 3.03
N LYS A 37 35.96 -1.82 2.81
CA LYS A 37 35.98 -0.86 3.90
C LYS A 37 34.73 0.01 3.89
N LEU A 38 34.06 0.09 5.04
CA LEU A 38 32.89 0.93 5.18
C LEU A 38 33.09 1.92 6.33
N LEU A 39 32.79 3.19 6.06
CA LEU A 39 32.72 4.19 7.11
C LEU A 39 31.30 4.29 7.63
N LEU A 40 31.15 4.31 8.95
CA LEU A 40 29.86 4.56 9.59
C LEU A 40 29.83 6.01 10.07
N LEU A 41 29.17 6.88 9.32
CA LEU A 41 29.05 8.27 9.71
C LEU A 41 27.66 8.57 10.26
N GLY A 42 27.50 9.73 10.88
CA GLY A 42 26.19 10.13 11.39
C GLY A 42 26.26 10.79 12.74
N ALA A 43 25.21 11.53 13.07
CA ALA A 43 25.15 12.22 14.36
C ALA A 43 25.25 11.19 15.46
N GLY A 44 25.52 11.67 16.68
CA GLY A 44 25.61 10.79 17.84
C GLY A 44 24.21 10.30 18.19
N GLU A 45 24.14 9.07 18.68
CA GLU A 45 22.87 8.47 19.08
C GLU A 45 21.96 8.16 17.89
N SER A 46 22.57 7.90 16.73
CA SER A 46 21.81 7.60 15.54
C SER A 46 21.84 6.10 15.25
N GLY A 47 22.68 5.37 15.97
CA GLY A 47 22.67 3.92 15.87
C GLY A 47 23.92 3.31 15.25
N LYS A 48 24.99 4.10 15.14
CA LYS A 48 26.23 3.60 14.56
C LYS A 48 26.78 2.43 15.35
N SER A 49 26.90 2.58 16.67
CA SER A 49 27.43 1.50 17.49
C SER A 49 26.57 0.26 17.35
N THR A 50 25.26 0.44 17.48
CA THR A 50 24.33 -0.65 17.33
C THR A 50 24.53 -1.46 16.04
N ILE A 51 24.79 -0.76 14.93
CA ILE A 51 25.09 -1.44 13.68
C ILE A 51 26.32 -2.33 13.85
N VAL A 52 27.38 -1.74 14.42
CA VAL A 52 28.59 -2.49 14.70
C VAL A 52 28.29 -3.72 15.54
N LYS A 53 27.58 -3.54 16.64
CA LYS A 53 27.19 -4.67 17.46
C LYS A 53 26.53 -5.74 16.60
N GLN A 54 25.58 -5.32 15.76
CA GLN A 54 24.84 -6.27 14.92
C GLN A 54 25.78 -7.08 14.03
N MET A 55 26.76 -6.39 13.42
CA MET A 55 27.75 -7.04 12.58
C MET A 55 28.39 -8.23 13.30
N LYS A 56 28.68 -8.03 14.59
CA LYS A 56 29.26 -9.09 15.39
C LYS A 56 28.25 -10.22 15.61
N ILE A 57 27.05 -9.87 16.06
CA ILE A 57 25.97 -10.84 16.28
C ILE A 57 25.63 -11.70 15.06
N ILE A 58 25.63 -11.07 13.88
CA ILE A 58 25.15 -11.70 12.66
C ILE A 58 26.23 -12.45 11.89
N HIS A 59 27.42 -11.87 11.78
CA HIS A 59 28.44 -12.41 10.89
C HIS A 59 29.63 -12.96 11.66
N GLN A 60 29.95 -12.33 12.79
CA GLN A 60 30.99 -12.81 13.67
C GLN A 60 30.33 -13.83 14.59
N ASP A 61 31.09 -14.38 15.53
CA ASP A 61 30.47 -15.10 16.62
C ASP A 61 29.78 -14.07 17.51
N PRO A 62 28.49 -14.28 17.81
CA PRO A 62 27.81 -13.37 18.72
C PRO A 62 28.65 -13.11 19.97
N TYR A 63 28.16 -12.30 20.89
CA TYR A 63 28.89 -12.05 22.13
C TYR A 63 28.99 -13.31 22.95
N SER A 64 30.15 -13.54 23.56
CA SER A 64 30.33 -14.66 24.48
C SER A 64 29.67 -14.34 25.81
N LEU A 65 29.69 -15.29 26.73
CA LEU A 65 29.13 -15.05 28.05
C LEU A 65 30.01 -14.15 28.90
N GLU A 66 31.31 -14.13 28.63
CA GLU A 66 32.19 -13.24 29.34
C GLU A 66 31.97 -11.82 28.87
N GLU A 67 31.88 -11.64 27.56
CA GLU A 67 31.56 -10.34 26.98
C GLU A 67 30.21 -9.85 27.45
N CYS A 68 29.17 -10.67 27.26
CA CYS A 68 27.81 -10.32 27.70
C CYS A 68 27.78 -9.76 29.12
N LEU A 69 28.63 -10.26 30.00
CA LEU A 69 28.64 -9.82 31.38
C LEU A 69 29.38 -8.50 31.59
N GLU A 70 30.15 -8.05 30.60
CA GLU A 70 30.85 -6.78 30.72
C GLU A 70 29.96 -5.57 30.46
N PHE A 71 28.75 -5.84 29.98
CA PHE A 71 27.79 -4.78 29.72
C PHE A 71 26.95 -4.44 30.96
N ILE A 72 26.83 -5.40 31.88
CA ILE A 72 26.08 -5.17 33.10
C ILE A 72 26.34 -3.78 33.69
N ALA A 73 27.61 -3.40 33.77
CA ALA A 73 28.00 -2.14 34.40
C ALA A 73 27.61 -0.92 33.56
N ILE A 74 27.59 -1.06 32.24
CA ILE A 74 27.12 0.03 31.43
C ILE A 74 25.60 0.02 31.44
N ILE A 75 25.03 -1.18 31.48
CA ILE A 75 23.57 -1.30 31.45
C ILE A 75 22.94 -0.74 32.72
N TYR A 76 23.68 -0.77 33.82
CA TYR A 76 23.17 -0.17 35.04
C TYR A 76 23.26 1.34 34.96
N GLY A 77 24.47 1.85 34.73
CA GLY A 77 24.65 3.27 34.45
C GLY A 77 23.59 3.80 33.50
N ASN A 78 23.35 3.09 32.40
CA ASN A 78 22.33 3.49 31.44
C ASN A 78 20.96 3.64 32.08
N THR A 79 20.59 2.67 32.92
CA THR A 79 19.32 2.70 33.62
C THR A 79 19.28 3.83 34.63
N LEU A 80 20.36 3.96 35.41
CA LEU A 80 20.46 5.02 36.39
C LEU A 80 20.29 6.36 35.69
N GLN A 81 21.21 6.64 34.78
CA GLN A 81 21.18 7.87 34.02
C GLN A 81 19.77 8.16 33.47
N SER A 82 19.06 7.12 33.07
CA SER A 82 17.73 7.28 32.49
C SER A 82 16.67 7.71 33.51
N ILE A 83 16.58 6.99 34.63
CA ILE A 83 15.61 7.36 35.65
C ILE A 83 15.92 8.77 36.16
N LEU A 84 17.21 9.02 36.37
CA LEU A 84 17.69 10.31 36.80
C LEU A 84 17.17 11.42 35.88
N ALA A 85 17.28 11.20 34.58
CA ALA A 85 16.87 12.19 33.58
C ALA A 85 15.37 12.48 33.69
N ILE A 86 14.60 11.45 33.99
CA ILE A 86 13.16 11.60 34.12
C ILE A 86 12.86 12.42 35.36
N VAL A 87 13.48 12.03 36.46
CA VAL A 87 13.33 12.70 37.74
C VAL A 87 13.69 14.20 37.69
N ARG A 88 14.73 14.54 36.94
CA ARG A 88 15.11 15.95 36.82
C ARG A 88 14.05 16.70 36.01
N ALA A 89 13.37 15.97 35.13
CA ALA A 89 12.39 16.57 34.24
C ALA A 89 11.07 16.72 34.95
N MET A 90 10.91 16.02 36.06
CA MET A 90 9.74 16.20 36.90
C MET A 90 9.68 17.66 37.36
N THR A 91 10.84 18.22 37.69
CA THR A 91 10.88 19.61 38.13
C THR A 91 10.98 20.57 36.95
N THR A 92 11.78 20.21 35.94
CA THR A 92 11.99 21.05 34.77
C THR A 92 10.67 21.35 34.05
N LEU A 93 9.92 20.30 33.75
CA LEU A 93 8.61 20.44 33.13
C LEU A 93 7.54 20.66 34.19
N ASN A 94 7.97 20.70 35.46
CA ASN A 94 7.07 20.94 36.58
C ASN A 94 5.87 19.99 36.59
N ILE A 95 6.16 18.70 36.59
CA ILE A 95 5.12 17.67 36.62
C ILE A 95 4.92 17.14 38.04
N GLN A 96 3.67 16.86 38.39
CA GLN A 96 3.34 16.41 39.73
C GLN A 96 3.57 14.92 39.90
N TYR A 97 4.11 14.52 41.03
CA TYR A 97 4.21 13.11 41.37
C TYR A 97 2.81 12.53 41.57
N GLY A 98 2.63 11.28 41.21
CA GLY A 98 1.34 10.61 41.38
C GLY A 98 1.00 10.46 42.85
N ASP A 99 2.00 10.05 43.64
CA ASP A 99 1.83 9.86 45.07
C ASP A 99 2.90 10.67 45.80
N SER A 100 2.50 11.78 46.41
CA SER A 100 3.44 12.70 47.07
C SER A 100 4.65 12.00 47.67
N ALA A 101 4.41 10.84 48.29
CA ALA A 101 5.47 10.09 48.96
C ALA A 101 6.65 9.76 48.04
N ARG A 102 6.37 9.67 46.74
CA ARG A 102 7.40 9.35 45.75
C ARG A 102 8.41 10.47 45.59
N GLN A 103 8.12 11.64 46.15
CA GLN A 103 8.98 12.79 46.01
C GLN A 103 10.25 12.67 46.87
N ASP A 104 10.15 11.92 47.97
CA ASP A 104 11.28 11.74 48.87
C ASP A 104 12.21 10.63 48.39
N ASP A 105 11.66 9.70 47.62
CA ASP A 105 12.46 8.68 46.95
C ASP A 105 13.38 9.36 45.96
N ALA A 106 12.82 10.29 45.19
CA ALA A 106 13.56 11.00 44.15
C ALA A 106 14.65 11.89 44.72
N ARG A 107 14.45 12.35 45.95
CA ARG A 107 15.45 13.16 46.63
C ARG A 107 16.57 12.26 47.14
N LYS A 108 16.19 11.08 47.62
CA LYS A 108 17.14 10.14 48.17
C LYS A 108 18.01 9.54 47.04
N LEU A 109 17.46 9.56 45.83
CA LEU A 109 18.16 9.04 44.65
C LEU A 109 19.36 9.91 44.29
N MET A 110 19.13 11.21 44.13
CA MET A 110 20.21 12.16 43.86
C MET A 110 21.37 11.88 44.81
N HIS A 111 21.02 11.68 46.08
CA HIS A 111 21.99 11.36 47.13
C HIS A 111 22.76 10.09 46.77
N MET A 112 22.04 8.99 46.62
CA MET A 112 22.67 7.70 46.33
C MET A 112 23.54 7.75 45.08
N ALA A 113 22.97 8.24 43.99
CA ALA A 113 23.66 8.28 42.70
C ALA A 113 25.04 8.90 42.81
N ASP A 114 25.16 9.94 43.63
CA ASP A 114 26.41 10.68 43.75
C ASP A 114 27.43 9.95 44.64
N THR A 115 26.98 8.90 45.32
CA THR A 115 27.85 8.18 46.24
C THR A 115 28.24 6.79 45.74
N ILE A 116 27.24 6.00 45.35
CA ILE A 116 27.46 4.62 44.89
C ILE A 116 28.54 4.50 43.82
N GLU A 117 29.02 3.28 43.61
CA GLU A 117 30.08 3.02 42.64
C GLU A 117 29.52 2.96 41.22
N GLU A 118 30.18 3.67 40.31
CA GLU A 118 29.74 3.72 38.91
C GLU A 118 29.57 2.33 38.30
N GLY A 119 28.35 2.01 37.90
CA GLY A 119 28.05 0.75 37.25
C GLY A 119 27.25 -0.18 38.14
N THR A 120 27.16 0.16 39.42
CA THR A 120 26.46 -0.67 40.40
C THR A 120 25.00 -0.28 40.61
N MET A 121 24.19 -1.26 41.00
CA MET A 121 22.75 -1.06 41.19
C MET A 121 22.26 -1.73 42.47
N PRO A 122 22.55 -1.11 43.63
CA PRO A 122 22.14 -1.66 44.93
C PRO A 122 20.63 -1.88 45.06
N LYS A 123 20.25 -2.88 45.85
CA LYS A 123 18.85 -3.28 46.02
C LYS A 123 17.94 -2.13 46.46
N GLU A 124 18.46 -1.26 47.32
CA GLU A 124 17.68 -0.11 47.81
C GLU A 124 17.39 0.87 46.68
N MET A 125 18.37 1.08 45.81
CA MET A 125 18.20 1.93 44.63
C MET A 125 17.13 1.38 43.68
N SER A 126 17.28 0.12 43.29
CA SER A 126 16.35 -0.49 42.32
C SER A 126 14.91 -0.51 42.80
N ASP A 127 14.72 -0.52 44.12
CA ASP A 127 13.38 -0.48 44.70
C ASP A 127 12.80 0.91 44.57
N ILE A 128 13.60 1.91 44.92
CA ILE A 128 13.25 3.30 44.69
C ILE A 128 12.87 3.47 43.21
N ILE A 129 13.76 3.01 42.32
CA ILE A 129 13.55 3.15 40.88
C ILE A 129 12.31 2.41 40.40
N GLN A 130 12.03 1.26 41.01
CA GLN A 130 10.94 0.43 40.57
C GLN A 130 9.58 1.06 40.91
N ARG A 131 9.54 1.70 42.07
CA ARG A 131 8.35 2.44 42.48
C ARG A 131 8.17 3.66 41.58
N LEU A 132 9.18 4.52 41.57
CA LEU A 132 9.15 5.69 40.71
C LEU A 132 8.60 5.33 39.34
N TRP A 133 9.10 4.27 38.73
CA TRP A 133 8.61 3.88 37.41
C TRP A 133 7.11 3.61 37.37
N LYS A 134 6.58 3.00 38.43
CA LYS A 134 5.14 2.69 38.48
C LYS A 134 4.28 3.92 38.77
N ASP A 135 4.92 4.98 39.27
CA ASP A 135 4.24 6.25 39.53
C ASP A 135 3.63 6.79 38.24
N SER A 136 2.47 7.43 38.37
CA SER A 136 1.79 8.01 37.22
C SER A 136 2.43 9.32 36.77
N GLY A 137 3.11 9.99 37.69
CA GLY A 137 3.80 11.24 37.37
C GLY A 137 4.97 11.00 36.46
N ILE A 138 5.89 10.16 36.90
CA ILE A 138 7.01 9.72 36.09
C ILE A 138 6.55 9.28 34.71
N GLN A 139 5.45 8.55 34.67
CA GLN A 139 4.93 8.05 33.40
C GLN A 139 4.42 9.17 32.51
N ALA A 140 3.82 10.19 33.12
CA ALA A 140 3.39 11.36 32.39
C ALA A 140 4.60 12.11 31.87
N CYS A 141 5.69 12.06 32.65
CA CYS A 141 6.92 12.72 32.29
C CYS A 141 7.66 11.90 31.26
N PHE A 142 7.52 10.58 31.35
CA PHE A 142 8.17 9.68 30.41
C PHE A 142 7.64 9.86 29.00
N ASP A 143 6.32 9.99 28.89
CA ASP A 143 5.65 10.19 27.61
C ASP A 143 6.10 11.49 26.97
N ARG A 144 6.66 12.39 27.76
CA ARG A 144 7.06 13.68 27.25
C ARG A 144 8.58 13.73 27.06
N ALA A 145 9.17 12.55 26.89
CA ALA A 145 10.62 12.39 26.74
C ALA A 145 11.21 13.29 25.66
N SER A 146 10.36 13.70 24.72
CA SER A 146 10.78 14.51 23.59
C SER A 146 11.19 15.92 24.01
N GLU A 147 10.75 16.34 25.19
CA GLU A 147 11.02 17.69 25.69
C GLU A 147 12.31 17.76 26.50
N TYR A 148 13.04 16.65 26.56
CA TYR A 148 14.35 16.64 27.24
C TYR A 148 15.28 15.54 26.72
N GLN A 149 16.52 15.51 27.21
CA GLN A 149 17.45 14.47 26.78
C GLN A 149 17.19 13.14 27.50
N LEU A 150 16.61 12.18 26.77
CA LEU A 150 16.39 10.84 27.33
C LEU A 150 16.87 9.74 26.39
N ASN A 151 17.69 8.85 26.92
CA ASN A 151 18.06 7.63 26.23
C ASN A 151 16.83 6.98 25.61
N ASP A 152 16.93 6.60 24.35
CA ASP A 152 15.84 5.90 23.70
C ASP A 152 15.63 4.53 24.31
N SER A 153 16.63 4.05 25.07
CA SER A 153 16.53 2.74 25.70
C SER A 153 16.03 2.81 27.13
N ALA A 154 15.79 4.03 27.62
CA ALA A 154 15.30 4.25 28.98
C ALA A 154 14.11 3.36 29.30
N GLY A 155 13.07 3.47 28.48
CA GLY A 155 11.86 2.67 28.66
C GLY A 155 12.18 1.19 28.70
N TYR A 156 12.79 0.70 27.64
CA TYR A 156 13.15 -0.71 27.50
C TYR A 156 13.74 -1.28 28.78
N TYR A 157 14.65 -0.53 29.40
CA TYR A 157 15.31 -1.00 30.60
C TYR A 157 14.43 -0.91 31.84
N LEU A 158 13.80 0.24 32.04
CA LEU A 158 13.00 0.47 33.23
C LEU A 158 11.78 -0.44 33.28
N SER A 159 11.39 -0.98 32.13
CA SER A 159 10.31 -1.95 32.05
C SER A 159 10.74 -3.32 32.59
N ASP A 160 12.02 -3.65 32.42
CA ASP A 160 12.54 -4.93 32.83
C ASP A 160 13.54 -4.78 33.97
N LEU A 161 13.39 -3.72 34.75
CA LEU A 161 14.37 -3.43 35.79
C LEU A 161 14.54 -4.59 36.75
N GLU A 162 13.43 -5.23 37.12
CA GLU A 162 13.48 -6.38 38.01
C GLU A 162 14.31 -7.50 37.40
N ARG A 163 14.00 -7.83 36.15
CA ARG A 163 14.72 -8.88 35.44
C ARG A 163 16.22 -8.57 35.35
N LEU A 164 16.60 -7.32 35.57
CA LEU A 164 17.99 -6.92 35.40
C LEU A 164 18.75 -6.84 36.73
N VAL A 165 18.02 -6.95 37.84
CA VAL A 165 18.63 -6.86 39.17
C VAL A 165 18.56 -8.19 39.93
N THR A 166 17.85 -9.16 39.36
CA THR A 166 17.86 -10.52 39.88
C THR A 166 19.31 -11.01 39.82
N PRO A 167 19.86 -11.45 40.95
CA PRO A 167 21.24 -11.93 40.97
C PRO A 167 21.49 -13.01 39.90
N GLY A 168 22.69 -13.03 39.35
CA GLY A 168 23.03 -13.92 38.25
C GLY A 168 22.35 -13.47 36.98
N TYR A 169 22.36 -12.16 36.73
CA TYR A 169 21.73 -11.58 35.54
C TYR A 169 22.65 -11.73 34.35
N VAL A 170 22.09 -12.21 33.24
CA VAL A 170 22.84 -12.31 31.98
C VAL A 170 22.17 -11.45 30.91
N PRO A 171 22.88 -10.41 30.45
CA PRO A 171 22.41 -9.59 29.36
C PRO A 171 22.05 -10.41 28.12
N THR A 172 20.83 -10.22 27.62
CA THR A 172 20.34 -10.92 26.43
C THR A 172 20.94 -10.13 25.24
N GLU A 173 20.96 -10.69 24.04
CA GLU A 173 21.51 -10.00 22.87
C GLU A 173 20.84 -8.64 22.68
N GLN A 174 19.53 -8.58 22.92
CA GLN A 174 18.82 -7.31 22.85
C GLN A 174 19.32 -6.31 23.89
N ASP A 175 19.41 -6.74 25.14
CA ASP A 175 19.94 -5.87 26.18
C ASP A 175 21.26 -5.25 25.75
N VAL A 176 22.23 -6.09 25.38
CA VAL A 176 23.51 -5.61 24.89
C VAL A 176 23.28 -4.57 23.81
N LEU A 177 22.43 -4.93 22.85
CA LEU A 177 22.15 -4.05 21.71
C LEU A 177 21.64 -2.69 22.14
N ARG A 178 20.91 -2.66 23.25
CA ARG A 178 20.29 -1.44 23.74
C ARG A 178 21.20 -0.58 24.62
N SER A 179 22.40 -1.06 24.90
CA SER A 179 23.29 -0.31 25.76
C SER A 179 23.87 0.89 25.00
N ARG A 180 24.51 1.80 25.71
CA ARG A 180 25.07 2.99 25.09
C ARG A 180 26.32 3.47 25.80
N VAL A 181 27.38 3.70 25.03
CA VAL A 181 28.64 4.22 25.56
C VAL A 181 29.18 5.27 24.61
N LYS A 182 28.98 6.55 24.93
CA LYS A 182 29.45 7.61 24.06
C LYS A 182 30.96 7.54 23.85
N THR A 183 31.39 7.65 22.60
CA THR A 183 32.82 7.76 22.28
C THR A 183 33.03 8.85 21.22
N THR A 184 34.27 9.34 21.14
CA THR A 184 34.62 10.43 20.24
C THR A 184 35.57 9.96 19.14
N GLY A 185 36.32 8.92 19.44
CA GLY A 185 37.30 8.41 18.49
C GLY A 185 36.67 7.48 17.49
N ILE A 186 37.38 6.41 17.14
CA ILE A 186 36.89 5.48 16.16
C ILE A 186 36.80 4.07 16.75
N ILE A 187 35.64 3.46 16.58
CA ILE A 187 35.43 2.06 16.88
C ILE A 187 35.58 1.32 15.55
N GLU A 188 36.17 0.13 15.60
CA GLU A 188 36.35 -0.65 14.39
C GLU A 188 35.86 -2.08 14.59
N THR A 189 35.56 -2.75 13.50
CA THR A 189 35.23 -4.17 13.57
C THR A 189 35.52 -4.84 12.24
N GLN A 190 36.00 -6.08 12.32
CA GLN A 190 36.36 -6.84 11.13
C GLN A 190 35.64 -8.19 11.13
N PHE A 191 34.97 -8.50 10.02
CA PHE A 191 34.18 -9.71 9.91
C PHE A 191 34.11 -10.21 8.47
N SER A 192 33.85 -11.51 8.31
CA SER A 192 33.75 -12.10 6.97
C SER A 192 32.30 -12.32 6.56
N PHE A 193 32.02 -12.13 5.28
CA PHE A 193 30.69 -12.36 4.74
C PHE A 193 30.73 -12.42 3.22
N LYS A 194 30.27 -13.54 2.66
CA LYS A 194 30.20 -13.74 1.21
C LYS A 194 31.58 -13.81 0.58
N ASP A 195 32.50 -14.51 1.25
CA ASP A 195 33.89 -14.59 0.81
C ASP A 195 34.50 -13.20 0.73
N LEU A 196 34.05 -12.30 1.62
CA LEU A 196 34.57 -10.94 1.68
C LEU A 196 34.98 -10.58 3.10
N ASN A 197 36.15 -9.97 3.24
CA ASN A 197 36.57 -9.42 4.52
C ASN A 197 36.08 -7.99 4.64
N PHE A 198 35.25 -7.74 5.65
CA PHE A 198 34.72 -6.40 5.89
C PHE A 198 35.46 -5.73 7.03
N ARG A 199 35.93 -4.52 6.80
CA ARG A 199 36.46 -3.69 7.87
C ARG A 199 35.54 -2.47 8.02
N MET A 200 34.87 -2.38 9.16
CA MET A 200 33.89 -1.32 9.36
C MET A 200 34.37 -0.31 10.39
N PHE A 201 34.29 0.98 10.05
CA PHE A 201 34.78 2.05 10.92
C PHE A 201 33.69 3.00 11.39
N ASP A 202 33.40 2.95 12.69
CA ASP A 202 32.46 3.88 13.31
C ASP A 202 33.13 5.19 13.69
N VAL A 203 32.84 6.26 12.96
CA VAL A 203 33.48 7.55 13.20
C VAL A 203 32.61 8.50 14.02
N GLY A 204 33.00 8.73 15.27
CA GLY A 204 32.26 9.62 16.16
C GLY A 204 32.76 11.05 16.14
N GLY A 205 32.13 11.90 16.95
CA GLY A 205 32.52 13.31 17.06
C GLY A 205 32.36 14.12 15.80
N GLN A 206 31.21 13.96 15.12
CA GLN A 206 31.00 14.66 13.87
C GLN A 206 30.43 16.06 14.03
N ARG A 207 29.64 16.27 15.08
CA ARG A 207 29.11 17.59 15.39
C ARG A 207 30.15 18.44 16.14
N SER A 208 31.15 17.77 16.72
CA SER A 208 32.18 18.46 17.50
C SER A 208 33.39 18.83 16.66
N GLU A 209 34.15 17.81 16.25
CA GLU A 209 35.38 18.04 15.50
C GLU A 209 35.17 18.16 14.00
N ARG A 210 34.46 17.20 13.41
CA ARG A 210 34.23 17.18 11.96
C ARG A 210 35.57 17.14 11.22
N LYS A 211 36.39 16.16 11.59
CA LYS A 211 37.72 15.99 11.00
C LYS A 211 37.62 15.75 9.50
N LYS A 212 38.62 16.22 8.77
CA LYS A 212 38.64 16.10 7.32
C LYS A 212 39.64 15.06 6.85
N TRP A 213 40.44 14.53 7.79
CA TRP A 213 41.41 13.50 7.44
C TRP A 213 40.69 12.22 7.04
N ILE A 214 39.44 12.10 7.45
CA ILE A 214 38.65 10.93 7.14
C ILE A 214 38.63 10.67 5.64
N HIS A 215 38.79 11.74 4.85
CA HIS A 215 38.76 11.63 3.40
C HIS A 215 39.97 10.87 2.85
N CYS A 216 41.15 11.22 3.37
CA CYS A 216 42.41 10.60 2.90
C CYS A 216 42.50 9.11 3.19
N PHE A 217 41.48 8.57 3.85
CA PHE A 217 41.43 7.15 4.17
C PHE A 217 41.26 6.35 2.88
N GLU A 218 42.23 5.47 2.60
CA GLU A 218 42.24 4.75 1.34
C GLU A 218 41.41 3.47 1.38
N GLY A 219 40.82 3.12 0.24
CA GLY A 219 40.15 1.84 0.06
C GLY A 219 38.73 1.77 0.56
N VAL A 220 38.12 2.92 0.84
CA VAL A 220 36.75 2.96 1.35
C VAL A 220 35.73 2.65 0.26
N THR A 221 35.09 1.49 0.36
CA THR A 221 34.11 1.07 -0.64
C THR A 221 32.88 1.95 -0.59
N ALA A 222 32.33 2.11 0.61
CA ALA A 222 31.06 2.81 0.77
C ALA A 222 30.98 3.54 2.10
N ILE A 223 30.14 4.58 2.11
CA ILE A 223 29.87 5.39 3.29
C ILE A 223 28.47 5.05 3.77
N ILE A 224 28.34 4.58 5.00
CA ILE A 224 27.02 4.32 5.55
C ILE A 224 26.67 5.44 6.51
N PHE A 225 25.72 6.28 6.11
CA PHE A 225 25.32 7.42 6.95
C PHE A 225 23.98 7.18 7.68
N CYS A 226 24.03 7.16 9.01
CA CYS A 226 22.84 6.94 9.80
C CYS A 226 22.12 8.22 10.19
N VAL A 227 20.79 8.18 10.15
CA VAL A 227 19.96 9.25 10.65
C VAL A 227 18.88 8.68 11.57
N ALA A 228 18.69 9.29 12.72
CA ALA A 228 17.60 8.89 13.60
C ALA A 228 16.28 9.50 13.12
N LEU A 229 15.39 8.65 12.61
CA LEU A 229 14.10 9.10 12.15
C LEU A 229 13.35 9.82 13.26
N SER A 230 13.47 9.31 14.48
CA SER A 230 12.70 9.79 15.61
C SER A 230 13.23 11.10 16.21
N ASP A 231 14.16 11.74 15.54
CA ASP A 231 14.71 13.00 16.03
C ASP A 231 13.90 14.20 15.56
N TYR A 232 13.03 13.98 14.58
CA TYR A 232 12.24 15.08 14.01
C TYR A 232 11.43 15.78 15.08
N ASP A 233 11.15 15.06 16.15
CA ASP A 233 10.22 15.46 17.17
C ASP A 233 10.84 16.36 18.22
N LEU A 234 12.16 16.28 18.35
CA LEU A 234 12.87 16.92 19.45
C LEU A 234 12.93 18.44 19.27
N VAL A 235 12.29 19.16 20.20
CA VAL A 235 12.25 20.61 20.16
C VAL A 235 13.62 21.21 20.55
N LEU A 236 14.00 22.28 19.86
CA LEU A 236 15.30 22.92 20.08
C LEU A 236 15.23 24.10 21.07
N ALA A 237 15.85 23.93 22.23
CA ALA A 237 16.01 25.01 23.19
C ALA A 237 17.28 25.77 22.84
N GLU A 238 18.03 25.21 21.90
CA GLU A 238 19.29 25.79 21.43
C GLU A 238 19.18 27.14 20.75
N ASP A 239 18.15 27.29 19.94
CA ASP A 239 17.93 28.53 19.23
C ASP A 239 18.85 28.43 18.03
N GLU A 240 19.53 27.29 17.93
CA GLU A 240 20.44 27.06 16.83
C GLU A 240 19.48 27.16 15.65
N GLU A 241 19.99 27.51 14.48
CA GLU A 241 19.12 27.62 13.31
C GLU A 241 18.37 26.35 13.01
N MET A 242 19.01 25.19 13.14
CA MET A 242 18.30 23.95 12.85
C MET A 242 18.26 22.89 13.97
N ASN A 243 17.05 22.45 14.29
CA ASN A 243 16.82 21.43 15.31
C ASN A 243 17.72 20.22 15.05
N ARG A 244 17.40 19.08 15.67
CA ARG A 244 18.25 17.89 15.51
C ARG A 244 18.13 17.23 14.14
N MET A 245 16.95 17.26 13.55
CA MET A 245 16.77 16.65 12.23
C MET A 245 17.51 17.45 11.17
N HIS A 246 17.40 18.77 11.23
CA HIS A 246 18.06 19.64 10.26
C HIS A 246 19.57 19.73 10.52
N GLU A 247 19.99 19.30 11.70
CA GLU A 247 21.41 19.26 12.03
C GLU A 247 22.03 18.05 11.37
N SER A 248 21.30 16.95 11.41
CA SER A 248 21.73 15.71 10.77
C SER A 248 21.83 15.93 9.26
N MET A 249 20.91 16.74 8.73
CA MET A 249 20.91 17.11 7.32
C MET A 249 22.14 17.93 6.96
N HIS A 250 22.51 18.87 7.81
CA HIS A 250 23.67 19.71 7.57
C HIS A 250 24.96 18.89 7.56
N LEU A 251 24.93 17.78 8.29
CA LEU A 251 26.09 16.90 8.38
C LEU A 251 26.13 16.02 7.13
N PHE A 252 24.95 15.56 6.71
CA PHE A 252 24.85 14.74 5.51
C PHE A 252 25.13 15.56 4.26
N ASN A 253 24.75 16.83 4.30
CA ASN A 253 24.97 17.74 3.20
C ASN A 253 26.45 17.91 2.88
N SER A 254 27.28 17.87 3.92
CA SER A 254 28.71 18.03 3.74
C SER A 254 29.40 16.70 3.46
N ILE A 255 28.60 15.64 3.34
CA ILE A 255 29.13 14.32 3.01
C ILE A 255 29.01 14.10 1.51
N CYS A 256 27.96 14.66 0.92
CA CYS A 256 27.76 14.62 -0.52
C CYS A 256 28.38 15.84 -1.18
N ASN A 257 28.35 16.96 -0.46
CA ASN A 257 28.97 18.19 -0.90
C ASN A 257 30.47 18.01 -1.08
N ASN A 258 31.08 17.21 -0.20
CA ASN A 258 32.50 16.94 -0.29
C ASN A 258 32.80 16.05 -1.49
N LYS A 259 33.66 16.54 -2.37
CA LYS A 259 33.94 15.85 -3.63
C LYS A 259 35.13 14.89 -3.58
N TRP A 260 35.31 14.22 -2.45
CA TRP A 260 36.32 13.15 -2.34
C TRP A 260 36.15 12.15 -3.50
N PHE A 261 37.15 12.06 -4.37
CA PHE A 261 36.97 11.34 -5.64
C PHE A 261 37.23 9.83 -5.63
N THR A 262 37.68 9.25 -4.52
CA THR A 262 37.82 7.80 -4.47
C THR A 262 36.44 7.19 -4.65
N ASP A 263 36.33 6.13 -5.47
CA ASP A 263 35.05 5.51 -5.79
C ASP A 263 34.32 5.00 -4.56
N THR A 264 33.36 5.79 -4.06
CA THR A 264 32.65 5.46 -2.83
C THR A 264 31.14 5.67 -2.96
N SER A 265 30.40 4.57 -2.87
CA SER A 265 28.94 4.64 -2.80
C SER A 265 28.56 5.16 -1.42
N ILE A 266 27.47 5.92 -1.34
CA ILE A 266 27.00 6.33 -0.04
C ILE A 266 25.60 5.76 0.22
N ILE A 267 25.41 5.25 1.44
CA ILE A 267 24.21 4.54 1.81
C ILE A 267 23.58 5.20 3.02
N LEU A 268 22.32 5.60 2.86
CA LEU A 268 21.60 6.25 3.93
C LEU A 268 20.79 5.24 4.76
N PHE A 269 21.07 5.19 6.05
CA PHE A 269 20.27 4.45 7.00
C PHE A 269 19.36 5.43 7.71
N LEU A 270 18.10 5.45 7.33
CA LEU A 270 17.10 6.18 8.09
C LEU A 270 16.73 5.28 9.28
N ASN A 271 17.48 5.42 10.36
CA ASN A 271 17.38 4.48 11.46
C ASN A 271 16.27 4.79 12.45
N LYS A 272 16.03 3.84 13.35
CA LYS A 272 15.02 3.99 14.39
C LYS A 272 13.63 4.13 13.80
N LYS A 273 13.35 3.35 12.77
CA LYS A 273 12.03 3.38 12.15
C LYS A 273 10.95 2.86 13.08
N ASP A 274 11.36 2.08 14.07
CA ASP A 274 10.43 1.53 15.06
C ASP A 274 9.90 2.63 15.99
N LEU A 275 10.79 3.48 16.47
CA LEU A 275 10.40 4.55 17.39
C LEU A 275 9.58 5.59 16.65
N PHE A 276 9.98 5.87 15.42
CA PHE A 276 9.29 6.81 14.55
C PHE A 276 7.85 6.36 14.27
N GLU A 277 7.66 5.05 14.17
CA GLU A 277 6.35 4.48 13.91
C GLU A 277 5.40 4.78 15.06
N GLU A 278 5.97 4.95 16.26
CA GLU A 278 5.20 5.30 17.45
C GLU A 278 4.95 6.80 17.50
N LYS A 279 6.00 7.58 17.26
CA LYS A 279 5.92 9.03 17.31
C LYS A 279 4.95 9.60 16.27
N ILE A 280 5.13 9.20 15.02
CA ILE A 280 4.42 9.82 13.90
C ILE A 280 2.91 9.97 14.15
N LYS A 281 2.31 9.04 14.88
CA LYS A 281 0.87 9.08 15.12
C LYS A 281 0.50 10.19 16.09
N LYS A 282 1.37 10.43 17.08
CA LYS A 282 1.12 11.49 18.04
C LYS A 282 1.65 12.85 17.57
N SER A 283 2.93 12.90 17.22
CA SER A 283 3.59 14.16 16.90
C SER A 283 3.70 14.40 15.40
N PRO A 284 2.95 15.39 14.88
CA PRO A 284 2.92 15.73 13.46
C PRO A 284 4.32 16.00 12.89
N LEU A 285 4.57 15.55 11.66
CA LEU A 285 5.86 15.79 11.03
C LEU A 285 6.02 17.25 10.65
N THR A 286 4.97 18.03 10.87
CA THR A 286 5.02 19.47 10.62
C THR A 286 5.92 20.14 11.64
N ILE A 287 6.10 19.49 12.78
CA ILE A 287 7.00 19.98 13.82
C ILE A 287 8.42 20.18 13.29
N CYS A 288 8.83 19.31 12.38
CA CYS A 288 10.18 19.35 11.80
C CYS A 288 10.17 20.01 10.44
N TYR A 289 9.09 19.78 9.69
CA TYR A 289 8.90 20.41 8.38
C TYR A 289 7.51 21.02 8.29
N PRO A 290 7.43 22.36 8.47
CA PRO A 290 6.13 23.04 8.49
C PRO A 290 5.45 23.06 7.12
N GLU A 291 6.24 22.96 6.06
CA GLU A 291 5.73 22.99 4.69
C GLU A 291 5.08 21.67 4.31
N TYR A 292 5.17 20.69 5.20
CA TYR A 292 4.73 19.34 4.87
C TYR A 292 3.20 19.22 4.76
N ALA A 293 2.71 19.01 3.54
CA ALA A 293 1.28 18.89 3.29
C ALA A 293 0.77 17.47 3.48
N GLY A 294 1.63 16.49 3.21
CA GLY A 294 1.26 15.09 3.33
C GLY A 294 0.67 14.70 4.67
N SER A 295 0.12 13.49 4.74
CA SER A 295 -0.48 13.00 5.98
C SER A 295 0.58 12.59 7.00
N ASN A 296 0.18 12.54 8.26
CA ASN A 296 1.09 12.13 9.35
C ASN A 296 0.94 10.64 9.67
N THR A 297 1.49 9.81 8.79
CA THR A 297 1.52 8.38 8.97
C THR A 297 2.90 7.85 8.62
N TYR A 298 3.22 6.65 9.07
CA TYR A 298 4.56 6.09 8.91
C TYR A 298 5.08 6.08 7.48
N GLU A 299 4.26 5.62 6.54
CA GLU A 299 4.66 5.51 5.14
C GLU A 299 5.00 6.86 4.51
N GLU A 300 4.05 7.80 4.54
CA GLU A 300 4.23 9.06 3.82
C GLU A 300 5.24 9.99 4.48
N ALA A 301 5.26 10.01 5.81
CA ALA A 301 6.17 10.87 6.56
C ALA A 301 7.61 10.39 6.43
N GLY A 302 7.80 9.09 6.64
CA GLY A 302 9.10 8.46 6.46
C GLY A 302 9.65 8.76 5.08
N ASN A 303 8.85 8.49 4.07
CA ASN A 303 9.25 8.81 2.71
C ASN A 303 9.61 10.29 2.59
N TYR A 304 8.75 11.15 3.11
CA TYR A 304 8.99 12.59 3.03
C TYR A 304 10.38 12.95 3.57
N ILE A 305 10.73 12.41 4.73
CA ILE A 305 12.05 12.62 5.32
C ILE A 305 13.16 12.11 4.40
N LYS A 306 13.03 10.86 3.95
CA LYS A 306 14.01 10.28 3.04
C LYS A 306 14.27 11.24 1.88
N VAL A 307 13.20 11.70 1.25
CA VAL A 307 13.32 12.65 0.17
C VAL A 307 14.19 13.81 0.60
N GLN A 308 13.76 14.49 1.66
CA GLN A 308 14.47 15.65 2.17
C GLN A 308 15.97 15.43 2.30
N PHE A 309 16.36 14.21 2.63
CA PHE A 309 17.79 13.87 2.71
C PHE A 309 18.40 13.64 1.34
N LEU A 310 17.69 12.88 0.50
CA LEU A 310 18.18 12.58 -0.85
C LEU A 310 18.29 13.86 -1.67
N GLU A 311 17.43 14.81 -1.35
CA GLU A 311 17.35 16.09 -2.06
C GLU A 311 18.55 16.98 -1.75
N LEU A 312 19.35 16.60 -0.76
CA LEU A 312 20.54 17.36 -0.40
C LEU A 312 21.74 16.97 -1.25
N ASN A 313 21.53 15.98 -2.13
CA ASN A 313 22.59 15.45 -2.99
C ASN A 313 23.20 16.48 -3.92
N MET A 314 24.40 16.95 -3.59
CA MET A 314 25.07 18.03 -4.33
C MET A 314 25.68 17.54 -5.65
N ARG A 315 26.59 16.58 -5.58
CA ARG A 315 27.20 15.99 -6.79
C ARG A 315 26.27 14.95 -7.40
N ARG A 316 25.99 15.09 -8.69
CA ARG A 316 25.16 14.11 -9.41
C ARG A 316 25.81 12.74 -9.44
N ASP A 317 25.65 12.00 -8.34
CA ASP A 317 26.24 10.67 -8.18
C ASP A 317 25.52 9.66 -9.04
N VAL A 318 26.08 9.36 -10.22
CA VAL A 318 25.48 8.44 -11.18
C VAL A 318 25.21 7.06 -10.55
N LYS A 319 23.93 6.83 -10.20
CA LYS A 319 23.48 5.59 -9.57
C LYS A 319 24.31 5.27 -8.32
N GLU A 320 24.35 6.21 -7.38
CA GLU A 320 25.25 6.08 -6.23
C GLU A 320 24.63 6.36 -4.86
N ILE A 321 23.38 6.82 -4.83
CA ILE A 321 22.74 7.10 -3.54
C ILE A 321 21.71 6.04 -3.19
N TYR A 322 22.07 5.17 -2.26
CA TYR A 322 21.18 4.12 -1.81
C TYR A 322 20.71 4.46 -0.40
N SER A 323 19.48 4.07 -0.09
CA SER A 323 18.91 4.38 1.21
C SER A 323 18.06 3.24 1.71
N HIS A 324 17.84 3.20 3.02
CA HIS A 324 17.05 2.14 3.61
C HIS A 324 16.46 2.59 4.94
N MET A 325 15.22 2.21 5.20
CA MET A 325 14.62 2.38 6.53
C MET A 325 15.12 1.22 7.37
N THR A 326 15.72 1.52 8.52
CA THR A 326 16.35 0.47 9.30
C THR A 326 15.96 0.52 10.77
N CYS A 327 16.05 -0.62 11.43
CA CYS A 327 15.92 -0.67 12.87
C CYS A 327 17.15 -1.39 13.41
N ALA A 328 18.15 -0.61 13.81
CA ALA A 328 19.46 -1.12 14.16
C ALA A 328 19.44 -2.15 15.27
N THR A 329 18.53 -2.00 16.23
CA THR A 329 18.47 -2.93 17.35
C THR A 329 17.76 -4.22 16.97
N ASP A 330 17.11 -4.22 15.81
CA ASP A 330 16.39 -5.38 15.31
C ASP A 330 17.27 -6.22 14.41
N THR A 331 17.70 -7.38 14.90
CA THR A 331 18.63 -8.24 14.16
C THR A 331 18.05 -8.70 12.83
N GLN A 332 16.85 -9.28 12.87
CA GLN A 332 16.20 -9.74 11.66
C GLN A 332 16.18 -8.65 10.60
N ASN A 333 15.85 -7.42 11.00
CA ASN A 333 15.85 -6.31 10.05
C ASN A 333 17.22 -6.04 9.47
N VAL A 334 18.22 -5.92 10.35
CA VAL A 334 19.57 -5.58 9.89
C VAL A 334 20.12 -6.64 8.96
N LYS A 335 19.73 -7.88 9.21
CA LYS A 335 20.14 -8.99 8.36
C LYS A 335 19.65 -8.81 6.94
N PHE A 336 18.43 -8.27 6.78
CA PHE A 336 17.90 -7.95 5.45
C PHE A 336 18.61 -6.78 4.79
N VAL A 337 18.86 -5.72 5.56
CA VAL A 337 19.44 -4.51 4.97
C VAL A 337 20.89 -4.76 4.59
N PHE A 338 21.59 -5.57 5.38
CA PHE A 338 22.99 -5.80 5.11
C PHE A 338 23.23 -6.82 3.98
N ASP A 339 22.30 -7.76 3.84
CA ASP A 339 22.27 -8.64 2.69
C ASP A 339 22.22 -7.81 1.42
N ALA A 340 21.31 -6.84 1.45
CA ALA A 340 21.05 -5.97 0.31
C ALA A 340 22.21 -5.06 0.01
N VAL A 341 22.81 -4.50 1.05
CA VAL A 341 23.97 -3.63 0.90
C VAL A 341 25.12 -4.40 0.26
N THR A 342 25.40 -5.58 0.83
CA THR A 342 26.43 -6.45 0.29
C THR A 342 26.20 -6.72 -1.19
N ASP A 343 24.96 -6.98 -1.57
CA ASP A 343 24.61 -7.28 -2.95
C ASP A 343 24.87 -6.10 -3.88
N ILE A 344 24.79 -4.89 -3.33
CA ILE A 344 25.10 -3.68 -4.09
C ILE A 344 26.60 -3.41 -4.15
N ILE A 345 27.28 -3.65 -3.03
CA ILE A 345 28.73 -3.57 -2.98
C ILE A 345 29.36 -4.49 -4.04
N ILE A 346 29.07 -5.78 -3.93
CA ILE A 346 29.70 -6.79 -4.79
C ILE A 346 29.45 -6.59 -6.28
N LYS A 347 28.38 -5.89 -6.64
CA LYS A 347 28.10 -5.63 -8.04
C LYS A 347 28.79 -4.35 -8.53
N GLU A 348 28.56 -3.24 -7.82
CA GLU A 348 29.12 -1.95 -8.21
C GLU A 348 30.64 -1.84 -8.01
N ASN A 349 31.16 -2.45 -6.95
CA ASN A 349 32.60 -2.45 -6.69
C ASN A 349 33.21 -3.83 -6.93
N LEU A 350 32.89 -4.42 -8.07
CA LEU A 350 33.24 -5.81 -8.35
C LEU A 350 34.69 -5.99 -8.83
N LYS A 351 35.39 -6.94 -8.22
CA LYS A 351 36.63 -7.44 -8.77
C LYS A 351 36.24 -8.24 -10.02
N ASP A 352 37.20 -8.65 -10.83
CA ASP A 352 36.85 -9.43 -12.01
C ASP A 352 36.18 -10.69 -11.47
N CYS A 353 35.09 -11.12 -12.12
CA CYS A 353 34.37 -12.31 -11.68
C CYS A 353 35.24 -13.57 -11.78
N GLY A 354 35.09 -14.47 -10.81
CA GLY A 354 35.86 -15.70 -10.79
C GLY A 354 35.53 -16.58 -11.98
N LEU A 355 34.27 -17.03 -12.04
CA LEU A 355 33.82 -17.89 -13.12
C LEU A 355 34.64 -19.17 -13.22
N PHE A 356 35.01 -19.72 -12.08
CA PHE A 356 35.81 -20.95 -12.04
C PHE A 356 37.12 -20.73 -11.29
N GLU B 15 36.53 -13.64 -66.10
CA GLU B 15 35.52 -14.14 -67.07
C GLU B 15 34.46 -13.10 -67.41
N LYS B 16 33.21 -13.40 -67.09
CA LYS B 16 32.09 -12.51 -67.41
C LYS B 16 31.81 -11.52 -66.29
N HIS B 17 31.52 -10.28 -66.66
CA HIS B 17 31.15 -9.25 -65.69
C HIS B 17 29.71 -9.42 -65.22
N SER B 18 29.55 -9.87 -63.98
CA SER B 18 28.23 -10.11 -63.41
C SER B 18 27.49 -8.80 -63.17
N ARG B 19 26.84 -8.30 -64.23
CA ARG B 19 26.10 -7.04 -64.16
C ARG B 19 24.64 -7.33 -63.82
N GLU B 20 24.40 -8.42 -63.11
CA GLU B 20 23.06 -8.80 -62.69
C GLU B 20 22.92 -8.76 -61.17
N LEU B 21 23.03 -7.56 -60.60
CA LEU B 21 22.91 -7.37 -59.16
C LEU B 21 21.46 -7.42 -58.70
N GLU B 22 20.92 -8.63 -58.62
CA GLU B 22 19.54 -8.85 -58.22
C GLU B 22 19.45 -9.81 -57.03
N LYS B 23 20.60 -10.07 -56.42
CA LYS B 23 20.69 -10.99 -55.27
C LYS B 23 21.28 -10.32 -54.04
N LYS B 24 21.30 -11.05 -52.93
CA LYS B 24 21.94 -10.61 -51.69
C LYS B 24 21.41 -9.28 -51.14
N LEU B 25 20.09 -9.11 -51.19
CA LEU B 25 19.48 -7.87 -50.72
C LEU B 25 18.09 -8.08 -50.13
N LYS B 26 17.27 -7.03 -50.17
CA LYS B 26 15.89 -7.07 -49.67
C LYS B 26 15.75 -7.93 -48.43
N GLU B 27 16.57 -7.61 -47.43
CA GLU B 27 16.58 -8.32 -46.16
C GLU B 27 15.94 -7.43 -45.10
N ASP B 28 15.52 -6.24 -45.52
CA ASP B 28 14.88 -5.27 -44.64
C ASP B 28 13.47 -5.57 -44.21
N ALA B 29 12.81 -6.51 -44.89
CA ALA B 29 11.44 -6.82 -44.50
C ALA B 29 11.48 -7.59 -43.19
N GLU B 30 11.74 -6.85 -42.12
CA GLU B 30 11.81 -7.39 -40.78
C GLU B 30 10.68 -6.80 -39.95
N LYS B 31 9.96 -7.69 -39.26
CA LYS B 31 8.84 -7.30 -38.42
C LYS B 31 9.32 -6.59 -37.16
N ASP B 32 8.44 -5.78 -36.58
CA ASP B 32 8.71 -5.12 -35.31
C ASP B 32 9.29 -6.14 -34.36
N ALA B 33 8.43 -7.04 -33.88
CA ALA B 33 8.82 -8.06 -32.91
C ALA B 33 8.90 -7.45 -31.51
N ARG B 34 7.90 -6.65 -31.15
CA ARG B 34 7.79 -6.10 -29.81
C ARG B 34 6.70 -6.83 -29.00
N THR B 35 7.12 -7.53 -27.96
CA THR B 35 6.22 -8.43 -27.24
C THR B 35 6.33 -8.18 -25.74
N VAL B 36 5.22 -8.37 -25.04
CA VAL B 36 5.21 -8.16 -23.60
C VAL B 36 5.49 -9.45 -22.84
N LYS B 37 6.71 -9.59 -22.36
CA LYS B 37 7.10 -10.76 -21.57
C LYS B 37 7.02 -10.42 -20.08
N LEU B 38 6.49 -11.36 -19.31
CA LEU B 38 6.23 -11.14 -17.88
C LEU B 38 6.68 -12.31 -17.04
N LEU B 39 7.53 -12.04 -16.05
CA LEU B 39 7.97 -13.05 -15.11
C LEU B 39 7.07 -13.10 -13.89
N LEU B 40 6.60 -14.29 -13.55
CA LEU B 40 5.74 -14.45 -12.40
C LEU B 40 6.53 -15.13 -11.31
N LEU B 41 7.08 -14.33 -10.41
CA LEU B 41 7.91 -14.83 -9.34
C LEU B 41 7.12 -14.85 -8.05
N GLY B 42 7.57 -15.66 -7.09
CA GLY B 42 6.90 -15.76 -5.79
C GLY B 42 7.14 -17.10 -5.11
N ALA B 43 7.02 -17.12 -3.79
CA ALA B 43 7.12 -18.36 -3.04
C ALA B 43 5.97 -19.29 -3.44
N GLY B 44 6.08 -20.56 -3.06
CA GLY B 44 5.04 -21.52 -3.37
C GLY B 44 3.76 -21.22 -2.62
N GLU B 45 2.62 -21.43 -3.27
CA GLU B 45 1.31 -21.21 -2.65
C GLU B 45 1.01 -19.73 -2.46
N SER B 46 1.55 -18.90 -3.35
CA SER B 46 1.37 -17.46 -3.25
C SER B 46 0.39 -16.97 -4.31
N GLY B 47 0.02 -17.85 -5.23
CA GLY B 47 -1.00 -17.54 -6.23
C GLY B 47 -0.51 -17.40 -7.66
N LYS B 48 0.70 -17.88 -7.94
CA LYS B 48 1.27 -17.72 -9.28
C LYS B 48 0.47 -18.44 -10.35
N SER B 49 0.02 -19.66 -10.06
CA SER B 49 -0.68 -20.47 -11.07
C SER B 49 -2.13 -20.06 -11.23
N THR B 50 -2.69 -19.47 -10.17
CA THR B 50 -4.02 -18.87 -10.26
C THR B 50 -4.03 -17.73 -11.28
N ILE B 51 -3.11 -16.78 -11.12
CA ILE B 51 -3.04 -15.66 -12.05
C ILE B 51 -2.98 -16.19 -13.46
N VAL B 52 -2.24 -17.28 -13.64
CA VAL B 52 -2.15 -17.92 -14.96
C VAL B 52 -3.54 -18.37 -15.38
N LYS B 53 -4.25 -19.04 -14.48
CA LYS B 53 -5.62 -19.46 -14.76
C LYS B 53 -6.47 -18.26 -15.13
N GLN B 54 -6.40 -17.21 -14.30
CA GLN B 54 -7.14 -15.99 -14.55
C GLN B 54 -6.84 -15.41 -15.92
N MET B 55 -5.61 -15.53 -16.39
CA MET B 55 -5.28 -15.01 -17.71
C MET B 55 -6.03 -15.78 -18.79
N LYS B 56 -6.31 -17.05 -18.52
CA LYS B 56 -7.11 -17.89 -19.41
C LYS B 56 -8.58 -17.49 -19.32
N ILE B 57 -9.05 -17.28 -18.10
CA ILE B 57 -10.42 -16.87 -17.85
C ILE B 57 -10.71 -15.48 -18.42
N ILE B 58 -9.71 -14.63 -18.47
CA ILE B 58 -9.92 -13.23 -18.85
C ILE B 58 -9.62 -12.92 -20.31
N HIS B 59 -8.58 -13.55 -20.87
CA HIS B 59 -8.11 -13.22 -22.22
C HIS B 59 -8.34 -14.34 -23.22
N GLN B 60 -8.04 -15.56 -22.82
CA GLN B 60 -8.46 -16.71 -23.61
C GLN B 60 -9.96 -16.79 -23.39
N ASP B 61 -10.62 -17.76 -24.00
CA ASP B 61 -12.00 -18.01 -23.64
C ASP B 61 -11.95 -18.80 -22.34
N PRO B 62 -12.83 -18.46 -21.39
CA PRO B 62 -12.83 -19.03 -20.04
C PRO B 62 -12.78 -20.56 -20.00
N TYR B 63 -13.14 -21.15 -18.87
CA TYR B 63 -13.18 -22.60 -18.74
C TYR B 63 -14.54 -23.17 -19.11
N SER B 64 -14.62 -23.85 -20.25
CA SER B 64 -15.84 -24.54 -20.65
C SER B 64 -16.18 -25.57 -19.58
N LEU B 65 -17.43 -26.04 -19.58
CA LEU B 65 -17.83 -27.00 -18.56
C LEU B 65 -17.09 -28.32 -18.75
N GLU B 66 -16.77 -28.63 -20.01
CA GLU B 66 -15.94 -29.79 -20.30
C GLU B 66 -14.61 -29.68 -19.56
N GLU B 67 -13.93 -28.56 -19.75
CA GLU B 67 -12.64 -28.29 -19.10
C GLU B 67 -12.75 -28.29 -17.59
N CYS B 68 -13.93 -27.94 -17.08
CA CYS B 68 -14.15 -27.91 -15.64
C CYS B 68 -14.26 -29.31 -15.06
N LEU B 69 -14.50 -30.29 -15.93
CA LEU B 69 -14.61 -31.67 -15.48
C LEU B 69 -13.24 -32.26 -15.18
N GLU B 70 -12.22 -31.78 -15.90
CA GLU B 70 -10.86 -32.26 -15.70
C GLU B 70 -10.32 -31.89 -14.32
N PHE B 71 -11.12 -31.23 -13.50
CA PHE B 71 -10.66 -30.72 -12.21
C PHE B 71 -11.36 -31.36 -11.01
N ILE B 72 -12.35 -32.21 -11.28
CA ILE B 72 -13.17 -32.77 -10.20
C ILE B 72 -12.32 -33.56 -9.19
N ALA B 73 -11.48 -34.45 -9.72
CA ALA B 73 -10.61 -35.30 -8.89
C ALA B 73 -9.65 -34.45 -8.06
N ILE B 74 -9.08 -33.43 -8.70
CA ILE B 74 -8.22 -32.47 -8.02
C ILE B 74 -8.96 -31.83 -6.85
N ILE B 75 -10.19 -31.36 -7.11
CA ILE B 75 -11.02 -30.79 -6.08
C ILE B 75 -11.20 -31.80 -4.96
N TYR B 76 -11.47 -33.05 -5.34
CA TYR B 76 -11.61 -34.14 -4.37
C TYR B 76 -10.30 -34.43 -3.64
N GLY B 77 -9.20 -34.43 -4.37
CA GLY B 77 -7.87 -34.52 -3.76
C GLY B 77 -7.70 -33.46 -2.69
N ASN B 78 -7.64 -32.20 -3.12
CA ASN B 78 -7.57 -31.06 -2.21
C ASN B 78 -8.52 -31.21 -1.01
N THR B 79 -9.77 -31.54 -1.31
CA THR B 79 -10.82 -31.61 -0.30
C THR B 79 -10.52 -32.68 0.75
N LEU B 80 -9.96 -33.81 0.33
CA LEU B 80 -9.62 -34.86 1.27
C LEU B 80 -8.41 -34.47 2.11
N GLN B 81 -7.32 -34.05 1.47
CA GLN B 81 -6.14 -33.67 2.24
C GLN B 81 -6.49 -32.65 3.31
N SER B 82 -7.37 -31.71 3.00
CA SER B 82 -7.73 -30.71 4.00
C SER B 82 -8.25 -31.36 5.28
N ILE B 83 -9.21 -32.25 5.13
CA ILE B 83 -9.88 -32.86 6.26
C ILE B 83 -9.01 -33.95 6.91
N LEU B 84 -8.08 -34.50 6.15
CA LEU B 84 -7.08 -35.42 6.67
C LEU B 84 -6.18 -34.68 7.65
N ALA B 85 -5.69 -33.52 7.21
CA ALA B 85 -4.80 -32.70 8.01
C ALA B 85 -5.48 -32.09 9.22
N ILE B 86 -6.77 -31.76 9.09
CA ILE B 86 -7.50 -31.13 10.18
C ILE B 86 -7.78 -32.08 11.34
N VAL B 87 -8.04 -33.35 11.03
CA VAL B 87 -8.22 -34.35 12.07
C VAL B 87 -6.87 -34.78 12.61
N ARG B 88 -5.90 -34.92 11.71
CA ARG B 88 -4.52 -35.25 12.06
C ARG B 88 -4.00 -34.27 13.11
N ALA B 89 -4.56 -33.06 13.11
CA ALA B 89 -4.09 -31.99 13.97
C ALA B 89 -4.70 -32.01 15.38
N MET B 90 -5.86 -32.64 15.52
CA MET B 90 -6.48 -32.77 16.85
C MET B 90 -5.64 -33.70 17.71
N THR B 91 -4.76 -34.46 17.04
CA THR B 91 -3.74 -35.26 17.71
C THR B 91 -2.63 -34.34 18.21
N THR B 92 -1.88 -33.78 17.27
CA THR B 92 -0.66 -33.03 17.56
C THR B 92 -0.90 -31.66 18.22
N LEU B 93 -2.17 -31.29 18.41
CA LEU B 93 -2.49 -30.06 19.11
C LEU B 93 -3.40 -30.33 20.30
N ASN B 94 -3.84 -31.59 20.43
CA ASN B 94 -4.56 -32.07 21.60
C ASN B 94 -5.80 -31.25 21.95
N ILE B 95 -6.87 -31.43 21.17
CA ILE B 95 -8.12 -30.74 21.41
C ILE B 95 -9.30 -31.74 21.40
N GLN B 96 -10.17 -31.62 22.40
CA GLN B 96 -11.33 -32.50 22.51
C GLN B 96 -12.36 -32.22 21.42
N TYR B 97 -13.12 -33.25 21.05
CA TYR B 97 -14.17 -33.12 20.06
C TYR B 97 -15.42 -32.48 20.66
N GLY B 98 -16.19 -31.81 19.81
CA GLY B 98 -17.45 -31.19 20.24
C GLY B 98 -18.47 -32.24 20.64
N ASP B 99 -18.33 -33.42 20.06
CA ASP B 99 -19.17 -34.58 20.39
C ASP B 99 -18.32 -35.84 20.33
N SER B 100 -18.13 -36.49 21.46
CA SER B 100 -17.31 -37.70 21.55
C SER B 100 -17.85 -38.82 20.66
N ALA B 101 -19.06 -38.63 20.16
CA ALA B 101 -19.66 -39.56 19.21
C ALA B 101 -19.03 -39.40 17.83
N ARG B 102 -18.83 -38.15 17.41
CA ARG B 102 -18.25 -37.85 16.10
C ARG B 102 -16.75 -38.12 16.10
N GLN B 103 -16.20 -38.37 17.28
CA GLN B 103 -14.78 -38.67 17.45
C GLN B 103 -14.46 -40.06 16.92
N ASP B 104 -15.33 -41.03 17.17
CA ASP B 104 -15.16 -42.38 16.65
C ASP B 104 -15.11 -42.37 15.13
N ASP B 105 -15.88 -41.46 14.54
CA ASP B 105 -16.04 -41.36 13.09
C ASP B 105 -14.74 -40.91 12.40
N ALA B 106 -13.92 -40.17 13.11
CA ALA B 106 -12.66 -39.67 12.56
C ALA B 106 -11.71 -40.81 12.22
N ARG B 107 -11.49 -41.70 13.19
CA ARG B 107 -10.62 -42.85 12.98
C ARG B 107 -11.08 -43.70 11.80
N LYS B 108 -12.38 -44.02 11.77
CA LYS B 108 -12.93 -44.85 10.71
C LYS B 108 -12.73 -44.17 9.36
N LEU B 109 -12.76 -42.84 9.36
CA LEU B 109 -12.51 -42.06 8.16
C LEU B 109 -11.03 -42.08 7.81
N MET B 110 -10.17 -41.94 8.81
CA MET B 110 -8.73 -41.89 8.59
C MET B 110 -8.26 -43.13 7.85
N HIS B 111 -8.67 -44.30 8.35
CA HIS B 111 -8.35 -45.54 7.68
C HIS B 111 -9.01 -45.58 6.30
N MET B 112 -10.31 -45.29 6.29
CA MET B 112 -11.08 -45.30 5.05
C MET B 112 -10.39 -44.53 3.93
N ALA B 113 -9.99 -43.29 4.23
CA ALA B 113 -9.37 -42.42 3.23
C ALA B 113 -8.05 -42.98 2.70
N ASP B 114 -7.38 -43.79 3.51
CA ASP B 114 -6.13 -44.43 3.11
C ASP B 114 -6.37 -45.45 2.00
N THR B 115 -7.53 -46.10 2.05
CA THR B 115 -7.87 -47.17 1.10
C THR B 115 -8.35 -46.66 -0.25
N ILE B 116 -9.20 -45.63 -0.22
CA ILE B 116 -9.91 -45.17 -1.41
C ILE B 116 -8.99 -44.59 -2.49
N GLU B 117 -9.48 -44.61 -3.73
CA GLU B 117 -8.79 -43.98 -4.85
C GLU B 117 -8.74 -42.46 -4.68
N GLU B 118 -8.11 -41.78 -5.64
CA GLU B 118 -7.83 -40.35 -5.51
C GLU B 118 -9.06 -39.43 -5.58
N GLY B 119 -9.70 -39.38 -6.74
CA GLY B 119 -10.85 -38.51 -6.93
C GLY B 119 -12.16 -39.26 -6.76
N THR B 120 -12.75 -39.13 -5.57
CA THR B 120 -14.07 -39.71 -5.29
C THR B 120 -14.58 -39.22 -3.94
N MET B 121 -15.90 -39.20 -3.79
CA MET B 121 -16.54 -38.80 -2.54
C MET B 121 -17.77 -39.64 -2.28
N PRO B 122 -17.58 -40.94 -1.98
CA PRO B 122 -18.69 -41.83 -1.71
C PRO B 122 -19.55 -41.25 -0.60
N LYS B 123 -20.86 -41.51 -0.66
CA LYS B 123 -21.78 -40.98 0.36
C LYS B 123 -21.23 -41.13 1.78
N GLU B 124 -20.45 -42.19 2.02
CA GLU B 124 -19.94 -42.48 3.36
C GLU B 124 -18.74 -41.62 3.75
N MET B 125 -17.89 -41.29 2.78
CA MET B 125 -16.80 -40.36 3.04
C MET B 125 -17.34 -38.95 3.20
N SER B 126 -18.26 -38.58 2.31
CA SER B 126 -18.92 -37.28 2.36
C SER B 126 -19.74 -37.11 3.63
N ASP B 127 -20.38 -38.19 4.08
CA ASP B 127 -21.23 -38.15 5.27
C ASP B 127 -20.42 -37.84 6.53
N ILE B 128 -19.35 -38.58 6.74
CA ILE B 128 -18.50 -38.38 7.91
C ILE B 128 -17.89 -36.98 7.86
N ILE B 129 -17.23 -36.67 6.74
CA ILE B 129 -16.62 -35.36 6.54
C ILE B 129 -17.58 -34.24 6.92
N GLN B 130 -18.77 -34.30 6.35
CA GLN B 130 -19.77 -33.23 6.50
C GLN B 130 -20.27 -33.08 7.94
N ARG B 131 -20.20 -34.16 8.72
CA ARG B 131 -20.60 -34.12 10.12
C ARG B 131 -19.41 -33.74 11.01
N LEU B 132 -18.20 -34.00 10.51
CA LEU B 132 -16.98 -33.54 11.16
C LEU B 132 -16.92 -32.03 11.08
N TRP B 133 -16.96 -31.52 9.86
CA TRP B 133 -16.92 -30.09 9.58
C TRP B 133 -17.98 -29.35 10.38
N LYS B 134 -18.97 -30.09 10.88
CA LYS B 134 -20.07 -29.51 11.63
C LYS B 134 -19.74 -29.54 13.13
N ASP B 135 -18.74 -30.34 13.48
CA ASP B 135 -18.33 -30.54 14.87
C ASP B 135 -17.67 -29.29 15.45
N SER B 136 -17.95 -29.02 16.72
CA SER B 136 -17.35 -27.87 17.41
C SER B 136 -15.89 -28.11 17.72
N GLY B 137 -15.50 -29.38 17.78
CA GLY B 137 -14.12 -29.76 18.03
C GLY B 137 -13.25 -29.44 16.83
N ILE B 138 -13.74 -29.82 15.65
CA ILE B 138 -13.01 -29.59 14.40
C ILE B 138 -12.92 -28.11 14.03
N GLN B 139 -13.98 -27.36 14.32
CA GLN B 139 -13.99 -25.93 14.06
C GLN B 139 -12.94 -25.21 14.90
N ALA B 140 -12.81 -25.63 16.15
CA ALA B 140 -11.77 -25.10 17.03
C ALA B 140 -10.38 -25.51 16.55
N CYS B 141 -10.31 -26.60 15.78
CA CYS B 141 -9.05 -27.04 15.20
C CYS B 141 -8.81 -26.39 13.85
N PHE B 142 -9.89 -26.08 13.14
CA PHE B 142 -9.77 -25.39 11.86
C PHE B 142 -9.24 -23.99 12.09
N ASP B 143 -10.00 -23.16 12.78
CA ASP B 143 -9.44 -21.95 13.34
C ASP B 143 -8.26 -22.46 14.15
N ARG B 144 -7.17 -21.69 14.10
CA ARG B 144 -5.90 -21.98 14.76
C ARG B 144 -5.10 -22.95 13.82
N ALA B 145 -5.34 -22.87 12.48
CA ALA B 145 -4.70 -23.68 11.45
C ALA B 145 -3.27 -23.23 11.18
N SER B 146 -2.80 -22.28 11.98
CA SER B 146 -1.49 -21.70 11.79
C SER B 146 -0.38 -22.67 12.16
N GLU B 147 -0.70 -23.59 13.07
CA GLU B 147 0.30 -24.53 13.58
C GLU B 147 0.65 -25.62 12.59
N TYR B 148 -0.29 -25.99 11.72
CA TYR B 148 -0.06 -27.09 10.78
C TYR B 148 -0.18 -26.70 9.31
N GLN B 149 0.12 -27.66 8.44
CA GLN B 149 0.15 -27.43 7.01
C GLN B 149 -1.21 -27.68 6.37
N LEU B 150 -2.06 -26.66 6.36
CA LEU B 150 -3.37 -26.74 5.74
C LEU B 150 -3.40 -26.00 4.42
N ASN B 151 -4.14 -26.53 3.44
CA ASN B 151 -4.42 -25.81 2.22
C ASN B 151 -5.30 -24.62 2.57
N ASP B 152 -5.14 -23.51 1.87
CA ASP B 152 -5.93 -22.33 2.18
C ASP B 152 -7.36 -22.46 1.67
N SER B 153 -7.60 -23.49 0.86
CA SER B 153 -8.93 -23.74 0.29
C SER B 153 -9.82 -24.58 1.20
N ALA B 154 -9.23 -25.21 2.20
CA ALA B 154 -9.96 -26.10 3.09
C ALA B 154 -11.39 -25.63 3.35
N GLY B 155 -11.52 -24.48 4.00
CA GLY B 155 -12.82 -23.94 4.40
C GLY B 155 -13.78 -23.68 3.25
N TYR B 156 -13.24 -23.50 2.05
CA TYR B 156 -14.06 -23.25 0.89
C TYR B 156 -14.71 -24.54 0.40
N TYR B 157 -13.89 -25.57 0.18
CA TYR B 157 -14.39 -26.84 -0.30
C TYR B 157 -15.24 -27.60 0.74
N LEU B 158 -14.81 -27.58 2.00
CA LEU B 158 -15.52 -28.29 3.06
C LEU B 158 -16.90 -27.70 3.34
N SER B 159 -16.98 -26.38 3.44
CA SER B 159 -18.25 -25.72 3.69
C SER B 159 -19.21 -25.91 2.51
N ASP B 160 -18.64 -26.13 1.33
CA ASP B 160 -19.40 -26.23 0.10
C ASP B 160 -19.32 -27.66 -0.43
N LEU B 161 -19.32 -28.61 0.50
CA LEU B 161 -19.15 -30.02 0.15
C LEU B 161 -20.41 -30.61 -0.49
N GLU B 162 -21.57 -30.24 0.05
CA GLU B 162 -22.84 -30.69 -0.48
C GLU B 162 -22.92 -30.46 -1.98
N ARG B 163 -22.75 -29.21 -2.41
CA ARG B 163 -22.81 -28.86 -3.83
C ARG B 163 -21.81 -29.63 -4.68
N LEU B 164 -20.69 -30.02 -4.07
CA LEU B 164 -19.59 -30.65 -4.79
C LEU B 164 -19.84 -32.11 -5.15
N VAL B 165 -20.65 -32.79 -4.35
CA VAL B 165 -20.90 -34.22 -4.54
C VAL B 165 -22.30 -34.51 -5.09
N THR B 166 -23.22 -33.57 -4.87
CA THR B 166 -24.56 -33.62 -5.44
C THR B 166 -24.52 -33.91 -6.94
N PRO B 167 -25.36 -34.84 -7.40
CA PRO B 167 -25.45 -35.14 -8.83
C PRO B 167 -25.78 -33.87 -9.63
N GLY B 168 -25.21 -33.75 -10.81
CA GLY B 168 -25.38 -32.55 -11.61
C GLY B 168 -24.25 -31.56 -11.38
N TYR B 169 -23.26 -31.99 -10.61
CA TYR B 169 -22.13 -31.12 -10.28
C TYR B 169 -21.17 -30.99 -11.44
N VAL B 170 -21.02 -29.76 -11.94
CA VAL B 170 -19.91 -29.41 -12.81
C VAL B 170 -19.17 -28.27 -12.16
N PRO B 171 -17.87 -28.46 -11.87
CA PRO B 171 -17.08 -27.47 -11.14
C PRO B 171 -17.24 -26.06 -11.69
N THR B 172 -17.49 -25.11 -10.80
CA THR B 172 -17.54 -23.71 -11.18
C THR B 172 -16.12 -23.18 -11.35
N GLU B 173 -16.00 -22.05 -12.04
CA GLU B 173 -14.72 -21.42 -12.29
C GLU B 173 -14.02 -21.21 -10.96
N GLN B 174 -14.77 -20.74 -9.97
CA GLN B 174 -14.21 -20.53 -8.64
C GLN B 174 -13.62 -21.87 -8.18
N ASP B 175 -14.45 -22.90 -8.12
CA ASP B 175 -13.99 -24.25 -7.84
C ASP B 175 -12.66 -24.57 -8.57
N VAL B 176 -12.60 -24.25 -9.85
CA VAL B 176 -11.39 -24.49 -10.62
C VAL B 176 -10.24 -23.62 -10.14
N LEU B 177 -10.52 -22.36 -9.81
CA LEU B 177 -9.48 -21.43 -9.39
C LEU B 177 -8.96 -21.77 -8.00
N ARG B 178 -9.82 -22.33 -7.16
CA ARG B 178 -9.46 -22.67 -5.80
C ARG B 178 -8.60 -23.93 -5.74
N SER B 179 -8.41 -24.57 -6.90
CA SER B 179 -7.75 -25.86 -6.96
C SER B 179 -6.23 -25.77 -6.90
N ARG B 180 -5.65 -26.46 -5.92
CA ARG B 180 -4.21 -26.48 -5.73
C ARG B 180 -3.54 -27.73 -6.30
N VAL B 181 -2.68 -27.51 -7.28
CA VAL B 181 -1.81 -28.56 -7.79
C VAL B 181 -0.38 -28.09 -7.62
N LYS B 182 0.48 -28.95 -7.07
CA LYS B 182 1.89 -28.60 -6.94
C LYS B 182 2.58 -28.65 -8.29
N THR B 183 3.25 -27.56 -8.65
CA THR B 183 3.89 -27.41 -9.95
C THR B 183 5.40 -27.22 -9.84
N THR B 184 6.08 -27.34 -10.98
CA THR B 184 7.52 -27.13 -11.05
C THR B 184 7.95 -26.70 -12.44
N GLY B 185 9.20 -26.31 -12.57
CA GLY B 185 9.71 -25.81 -13.84
C GLY B 185 9.08 -24.49 -14.18
N ILE B 186 8.88 -24.24 -15.46
CA ILE B 186 8.36 -22.96 -15.92
C ILE B 186 7.22 -23.14 -16.91
N ILE B 187 6.00 -22.91 -16.44
CA ILE B 187 4.83 -23.01 -17.30
C ILE B 187 4.58 -21.66 -17.99
N GLU B 188 4.38 -21.70 -19.30
CA GLU B 188 4.17 -20.47 -20.07
C GLU B 188 2.72 -20.34 -20.53
N THR B 189 2.31 -19.12 -20.81
CA THR B 189 0.99 -18.85 -21.37
C THR B 189 1.02 -17.61 -22.25
N GLN B 190 0.44 -17.72 -23.44
CA GLN B 190 0.44 -16.62 -24.38
C GLN B 190 -0.97 -16.14 -24.65
N PHE B 191 -1.17 -14.82 -24.65
CA PHE B 191 -2.47 -14.25 -24.94
C PHE B 191 -2.34 -12.84 -25.48
N SER B 192 -3.40 -12.39 -26.14
CA SER B 192 -3.44 -11.05 -26.72
C SER B 192 -4.34 -10.14 -25.92
N PHE B 193 -4.05 -8.85 -25.96
CA PHE B 193 -4.81 -7.86 -25.22
C PHE B 193 -4.35 -6.48 -25.63
N LYS B 194 -5.28 -5.55 -25.75
CA LYS B 194 -4.95 -4.19 -26.15
C LYS B 194 -3.93 -4.16 -27.30
N ASP B 195 -4.11 -5.07 -28.26
CA ASP B 195 -3.23 -5.15 -29.43
C ASP B 195 -1.76 -5.44 -29.10
N LEU B 196 -1.54 -6.18 -28.02
CA LEU B 196 -0.19 -6.60 -27.63
C LEU B 196 -0.18 -8.08 -27.28
N ASN B 197 0.86 -8.78 -27.71
CA ASN B 197 1.00 -10.21 -27.41
C ASN B 197 1.71 -10.44 -26.08
N PHE B 198 1.04 -11.10 -25.15
CA PHE B 198 1.58 -11.27 -23.82
C PHE B 198 2.20 -12.63 -23.65
N ARG B 199 3.32 -12.66 -22.94
CA ARG B 199 4.01 -13.89 -22.65
C ARG B 199 4.31 -13.93 -21.15
N MET B 200 3.45 -14.59 -20.40
CA MET B 200 3.66 -14.77 -18.96
C MET B 200 4.47 -16.02 -18.68
N PHE B 201 5.42 -15.91 -17.75
CA PHE B 201 6.25 -17.04 -17.39
C PHE B 201 6.20 -17.27 -15.89
N ASP B 202 5.45 -18.29 -15.48
CA ASP B 202 5.42 -18.70 -14.09
C ASP B 202 6.70 -19.47 -13.79
N VAL B 203 7.65 -18.80 -13.15
CA VAL B 203 8.94 -19.39 -12.81
C VAL B 203 8.97 -19.72 -11.33
N GLY B 204 8.17 -20.71 -10.93
CA GLY B 204 8.04 -21.06 -9.52
C GLY B 204 9.17 -21.92 -8.98
N GLY B 205 8.95 -22.49 -7.80
CA GLY B 205 9.92 -23.41 -7.20
C GLY B 205 11.10 -22.73 -6.55
N GLN B 206 11.82 -21.90 -7.31
CA GLN B 206 13.06 -21.28 -6.85
C GLN B 206 12.90 -20.33 -5.66
N ARG B 207 13.75 -20.53 -4.66
CA ARG B 207 13.70 -19.76 -3.42
C ARG B 207 14.97 -20.00 -2.61
N SER B 208 15.70 -18.93 -2.30
CA SER B 208 16.99 -19.06 -1.63
C SER B 208 18.00 -19.67 -2.57
N GLU B 209 17.68 -20.86 -3.07
CA GLU B 209 18.43 -21.49 -4.14
C GLU B 209 17.99 -20.81 -5.42
N ARG B 210 18.96 -20.37 -6.23
CA ARG B 210 18.66 -19.49 -7.35
C ARG B 210 18.73 -20.14 -8.72
N LYS B 211 17.78 -19.75 -9.57
CA LYS B 211 17.95 -19.90 -11.00
C LYS B 211 18.75 -18.68 -11.42
N LYS B 212 20.02 -18.88 -11.72
CA LYS B 212 20.95 -17.76 -11.96
C LYS B 212 20.63 -17.01 -13.25
N TRP B 213 20.08 -17.73 -14.21
CA TRP B 213 19.96 -17.25 -15.59
C TRP B 213 18.71 -16.45 -15.85
N ILE B 214 17.80 -16.43 -14.89
CA ILE B 214 16.59 -15.61 -15.01
C ILE B 214 17.00 -14.16 -15.19
N HIS B 215 18.09 -13.78 -14.52
CA HIS B 215 18.66 -12.45 -14.62
C HIS B 215 19.24 -12.19 -16.01
N CYS B 216 19.00 -13.11 -16.93
CA CYS B 216 19.48 -13.00 -18.31
C CYS B 216 18.39 -13.32 -19.32
N PHE B 217 17.16 -13.41 -18.84
CA PHE B 217 16.04 -13.70 -19.72
C PHE B 217 15.94 -12.61 -20.80
N GLU B 218 15.42 -13.00 -21.96
CA GLU B 218 15.32 -12.09 -23.09
C GLU B 218 14.09 -11.16 -23.05
N GLY B 219 14.36 -9.86 -22.99
CA GLY B 219 13.33 -8.82 -23.19
C GLY B 219 12.19 -8.72 -22.19
N VAL B 220 12.45 -9.11 -20.94
CA VAL B 220 11.43 -9.04 -19.90
C VAL B 220 10.96 -7.62 -19.64
N THR B 221 9.67 -7.39 -19.89
CA THR B 221 9.06 -6.06 -19.74
C THR B 221 8.74 -5.73 -18.29
N ALA B 222 8.33 -6.74 -17.54
CA ALA B 222 7.99 -6.54 -16.14
C ALA B 222 8.05 -7.84 -15.36
N ILE B 223 8.19 -7.72 -14.05
CA ILE B 223 8.15 -8.86 -13.16
C ILE B 223 7.01 -8.67 -12.19
N ILE B 224 6.21 -9.70 -12.01
CA ILE B 224 5.16 -9.65 -11.03
C ILE B 224 5.59 -10.57 -9.91
N PHE B 225 5.67 -10.06 -8.70
CA PHE B 225 6.07 -10.85 -7.55
C PHE B 225 4.90 -11.06 -6.60
N CYS B 226 4.58 -12.31 -6.31
CA CYS B 226 3.43 -12.62 -5.46
C CYS B 226 3.81 -12.88 -4.00
N VAL B 227 3.03 -12.31 -3.10
CA VAL B 227 3.21 -12.47 -1.66
C VAL B 227 1.88 -12.89 -1.08
N ALA B 228 1.89 -13.84 -0.15
CA ALA B 228 0.66 -14.27 0.47
C ALA B 228 0.42 -13.52 1.77
N LEU B 229 -0.32 -12.43 1.70
CA LEU B 229 -0.63 -11.65 2.89
C LEU B 229 -0.91 -12.54 4.10
N SER B 230 -1.68 -13.60 3.87
CA SER B 230 -2.15 -14.49 4.93
C SER B 230 -1.05 -15.36 5.53
N ASP B 231 0.12 -15.37 4.91
CA ASP B 231 1.25 -16.15 5.42
C ASP B 231 1.79 -15.61 6.75
N TYR B 232 1.45 -14.36 7.06
CA TYR B 232 2.08 -13.66 8.17
C TYR B 232 2.09 -14.43 9.50
N ASP B 233 1.04 -15.21 9.76
CA ASP B 233 0.91 -15.87 11.06
C ASP B 233 1.27 -17.35 11.06
N LEU B 234 2.10 -17.78 10.13
CA LEU B 234 2.38 -19.20 9.99
C LEU B 234 3.82 -19.52 9.60
N VAL B 235 4.30 -20.68 10.04
CA VAL B 235 5.66 -21.13 9.77
C VAL B 235 5.69 -22.30 8.78
N LEU B 236 6.71 -22.33 7.93
CA LEU B 236 6.87 -23.39 6.94
C LEU B 236 7.21 -24.73 7.58
N ALA B 237 6.88 -25.81 6.88
CA ALA B 237 7.15 -27.16 7.38
C ALA B 237 8.66 -27.33 7.56
N GLU B 238 9.42 -26.80 6.61
CA GLU B 238 10.88 -26.89 6.65
C GLU B 238 11.33 -26.07 7.86
N ASP B 239 12.43 -26.47 8.47
CA ASP B 239 12.91 -25.73 9.63
C ASP B 239 13.68 -24.48 9.20
N GLU B 240 12.96 -23.56 8.58
CA GLU B 240 13.54 -22.31 8.11
C GLU B 240 13.94 -21.46 9.31
N GLU B 241 13.11 -21.50 10.35
CA GLU B 241 13.38 -20.73 11.56
C GLU B 241 12.79 -19.34 11.41
N MET B 242 12.13 -19.10 10.27
CA MET B 242 11.52 -17.81 9.99
C MET B 242 10.20 -17.99 9.24
N ASN B 243 9.28 -17.04 9.42
CA ASN B 243 7.97 -17.08 8.78
C ASN B 243 8.05 -17.18 7.26
N ARG B 244 7.17 -17.99 6.68
CA ARG B 244 7.18 -18.15 5.24
C ARG B 244 7.02 -16.76 4.62
N MET B 245 6.63 -15.81 5.46
CA MET B 245 6.57 -14.41 5.07
C MET B 245 7.97 -13.86 4.84
N HIS B 246 8.85 -14.07 5.82
CA HIS B 246 10.25 -13.62 5.73
C HIS B 246 10.98 -14.27 4.56
N GLU B 247 10.51 -15.44 4.15
CA GLU B 247 11.10 -16.16 3.04
C GLU B 247 10.86 -15.41 1.73
N SER B 248 9.66 -14.83 1.60
CA SER B 248 9.32 -13.99 0.45
C SER B 248 10.13 -12.71 0.48
N MET B 249 10.25 -12.13 1.67
CA MET B 249 11.06 -10.94 1.87
C MET B 249 12.48 -11.20 1.39
N HIS B 250 13.05 -12.34 1.79
CA HIS B 250 14.36 -12.74 1.29
C HIS B 250 14.35 -12.73 -0.24
N LEU B 251 13.45 -13.50 -0.84
CA LEU B 251 13.44 -13.62 -2.29
C LEU B 251 13.18 -12.27 -2.97
N PHE B 252 12.32 -11.45 -2.37
CA PHE B 252 12.00 -10.13 -2.93
C PHE B 252 13.21 -9.20 -2.80
N ASN B 253 13.84 -9.26 -1.63
CA ASN B 253 15.07 -8.52 -1.39
C ASN B 253 16.09 -8.84 -2.47
N SER B 254 16.11 -10.10 -2.91
CA SER B 254 17.05 -10.52 -3.94
C SER B 254 16.65 -9.95 -5.30
N ILE B 255 15.36 -10.06 -5.63
CA ILE B 255 14.86 -9.59 -6.93
C ILE B 255 15.11 -8.11 -7.13
N CYS B 256 14.93 -7.33 -6.06
CA CYS B 256 15.02 -5.87 -6.12
C CYS B 256 16.45 -5.37 -6.30
N ASN B 257 17.35 -5.89 -5.49
CA ASN B 257 18.68 -5.32 -5.36
C ASN B 257 19.73 -5.96 -6.27
N ASN B 258 19.38 -7.09 -6.87
CA ASN B 258 20.21 -7.71 -7.91
C ASN B 258 19.69 -7.34 -9.29
N LYS B 259 20.01 -6.13 -9.72
CA LYS B 259 19.46 -5.55 -10.94
C LYS B 259 19.48 -6.48 -12.16
N TRP B 260 18.61 -6.17 -13.12
CA TRP B 260 18.53 -6.91 -14.37
C TRP B 260 19.24 -6.13 -15.46
N PHE B 261 19.87 -5.03 -15.06
CA PHE B 261 20.61 -4.14 -15.96
C PHE B 261 19.68 -3.44 -16.97
N THR B 262 18.37 -3.56 -16.75
CA THR B 262 17.39 -2.99 -17.68
C THR B 262 16.16 -2.46 -16.94
N ASP B 263 15.30 -1.75 -17.67
CA ASP B 263 14.09 -1.18 -17.10
C ASP B 263 12.96 -2.21 -17.00
N THR B 264 13.14 -3.18 -16.10
CA THR B 264 12.09 -4.15 -15.85
C THR B 264 11.21 -3.65 -14.71
N SER B 265 10.00 -3.21 -15.04
CA SER B 265 9.05 -2.77 -14.04
C SER B 265 8.78 -3.90 -13.04
N ILE B 266 9.06 -3.64 -11.78
CA ILE B 266 8.75 -4.60 -10.73
C ILE B 266 7.37 -4.31 -10.19
N ILE B 267 6.51 -5.31 -10.24
CA ILE B 267 5.14 -5.17 -9.79
C ILE B 267 4.85 -6.15 -8.66
N LEU B 268 4.40 -5.63 -7.53
CA LEU B 268 4.18 -6.43 -6.33
C LEU B 268 2.69 -6.69 -6.09
N PHE B 269 2.32 -7.97 -5.97
CA PHE B 269 0.95 -8.35 -5.62
C PHE B 269 0.91 -8.82 -4.18
N LEU B 270 0.23 -8.07 -3.32
CA LEU B 270 -0.03 -8.56 -1.98
C LEU B 270 -1.27 -9.43 -2.10
N ASN B 271 -1.09 -10.66 -2.57
CA ASN B 271 -2.21 -11.55 -2.85
C ASN B 271 -2.82 -12.17 -1.61
N LYS B 272 -4.01 -12.73 -1.78
CA LYS B 272 -4.78 -13.34 -0.68
C LYS B 272 -5.31 -12.29 0.28
N LYS B 273 -5.77 -11.17 -0.25
CA LYS B 273 -6.28 -10.10 0.59
C LYS B 273 -7.57 -10.48 1.32
N ASP B 274 -8.24 -11.52 0.86
CA ASP B 274 -9.47 -12.01 1.50
C ASP B 274 -9.19 -12.91 2.71
N LEU B 275 -8.34 -13.92 2.53
CA LEU B 275 -7.96 -14.78 3.64
C LEU B 275 -7.35 -13.94 4.75
N PHE B 276 -6.63 -12.88 4.35
CA PHE B 276 -5.96 -11.98 5.29
C PHE B 276 -6.94 -11.16 6.11
N GLU B 277 -7.99 -10.68 5.46
CA GLU B 277 -9.00 -9.87 6.13
C GLU B 277 -9.69 -10.65 7.23
N GLU B 278 -9.76 -11.96 7.03
CA GLU B 278 -10.39 -12.90 7.94
C GLU B 278 -9.58 -13.25 9.19
N LYS B 279 -8.27 -13.34 9.01
CA LYS B 279 -7.35 -13.68 10.09
C LYS B 279 -6.95 -12.47 10.92
N ILE B 280 -6.66 -11.35 10.26
CA ILE B 280 -6.12 -10.19 10.94
C ILE B 280 -6.84 -9.85 12.25
N LYS B 281 -8.16 -10.08 12.25
CA LYS B 281 -9.02 -9.76 13.40
C LYS B 281 -8.67 -10.58 14.63
N LYS B 282 -8.25 -11.83 14.42
CA LYS B 282 -7.90 -12.72 15.52
C LYS B 282 -6.40 -12.83 15.74
N SER B 283 -5.67 -13.00 14.65
CA SER B 283 -4.22 -13.12 14.74
C SER B 283 -3.53 -11.79 14.50
N PRO B 284 -2.89 -11.24 15.55
CA PRO B 284 -2.18 -9.97 15.48
C PRO B 284 -0.98 -10.04 14.55
N LEU B 285 -0.64 -8.91 13.93
CA LEU B 285 0.43 -8.83 12.95
C LEU B 285 1.81 -8.78 13.61
N THR B 286 1.82 -8.45 14.90
CA THR B 286 3.08 -8.42 15.66
C THR B 286 3.77 -9.77 15.65
N ILE B 287 3.00 -10.83 15.41
CA ILE B 287 3.55 -12.18 15.27
C ILE B 287 4.63 -12.19 14.20
N CYS B 288 4.38 -11.48 13.11
CA CYS B 288 5.30 -11.45 11.98
C CYS B 288 6.24 -10.25 12.05
N TYR B 289 5.72 -9.11 12.52
CA TYR B 289 6.52 -7.90 12.67
C TYR B 289 6.32 -7.33 14.08
N PRO B 290 7.28 -7.62 14.98
CA PRO B 290 7.14 -7.35 16.41
C PRO B 290 7.08 -5.86 16.74
N GLU B 291 7.55 -5.03 15.83
CA GLU B 291 7.57 -3.59 16.08
C GLU B 291 6.39 -2.88 15.44
N TYR B 292 5.52 -3.66 14.80
CA TYR B 292 4.31 -3.09 14.24
C TYR B 292 3.47 -2.45 15.33
N ALA B 293 3.40 -1.12 15.31
CA ALA B 293 2.67 -0.37 16.31
C ALA B 293 1.23 -0.10 15.91
N GLY B 294 0.80 -0.61 14.76
CA GLY B 294 -0.53 -0.32 14.26
C GLY B 294 -1.62 -1.16 14.90
N SER B 295 -2.84 -0.98 14.42
CA SER B 295 -3.99 -1.74 14.90
C SER B 295 -4.23 -2.96 14.02
N ASN B 296 -4.61 -4.06 14.63
CA ASN B 296 -4.87 -5.29 13.90
C ASN B 296 -6.18 -5.24 13.08
N THR B 297 -6.15 -4.46 12.01
CA THR B 297 -7.29 -4.31 11.12
C THR B 297 -6.84 -4.41 9.66
N TYR B 298 -7.71 -4.91 8.79
CA TYR B 298 -7.36 -5.15 7.40
C TYR B 298 -6.56 -4.02 6.74
N GLU B 299 -7.17 -2.85 6.63
CA GLU B 299 -6.61 -1.73 5.88
C GLU B 299 -5.19 -1.38 6.29
N GLU B 300 -5.04 -1.11 7.58
CA GLU B 300 -3.77 -0.61 8.12
C GLU B 300 -2.69 -1.68 8.16
N ALA B 301 -3.02 -2.85 8.70
CA ALA B 301 -2.07 -3.95 8.78
C ALA B 301 -1.68 -4.43 7.39
N GLY B 302 -2.66 -4.50 6.49
CA GLY B 302 -2.40 -4.90 5.13
C GLY B 302 -1.37 -3.98 4.53
N ASN B 303 -1.59 -2.69 4.71
CA ASN B 303 -0.71 -1.68 4.13
C ASN B 303 0.68 -1.67 4.76
N TYR B 304 0.75 -2.09 6.03
CA TYR B 304 2.01 -2.15 6.74
C TYR B 304 2.91 -3.23 6.15
N ILE B 305 2.32 -4.38 5.84
CA ILE B 305 3.03 -5.45 5.17
C ILE B 305 3.55 -4.97 3.81
N LYS B 306 2.66 -4.46 2.97
CA LYS B 306 3.09 -3.86 1.72
C LYS B 306 4.37 -3.04 1.94
N VAL B 307 4.34 -2.17 2.95
CA VAL B 307 5.46 -1.28 3.25
C VAL B 307 6.73 -2.05 3.58
N GLN B 308 6.61 -3.09 4.42
CA GLN B 308 7.76 -3.91 4.75
C GLN B 308 8.45 -4.48 3.50
N PHE B 309 7.67 -4.84 2.49
CA PHE B 309 8.23 -5.35 1.26
C PHE B 309 8.87 -4.26 0.40
N LEU B 310 8.21 -3.10 0.35
CA LEU B 310 8.72 -1.97 -0.44
C LEU B 310 9.96 -1.35 0.18
N GLU B 311 10.10 -1.49 1.49
CA GLU B 311 11.25 -0.92 2.19
C GLU B 311 12.52 -1.71 1.95
N LEU B 312 12.40 -2.84 1.26
CA LEU B 312 13.56 -3.67 0.99
C LEU B 312 14.31 -3.18 -0.23
N ASN B 313 13.70 -2.26 -0.98
CA ASN B 313 14.30 -1.73 -2.18
C ASN B 313 15.28 -0.59 -1.90
N MET B 314 16.56 -0.85 -2.15
CA MET B 314 17.64 0.11 -1.91
C MET B 314 17.70 1.24 -2.94
N ARG B 315 17.09 1.04 -4.10
CA ARG B 315 17.05 2.11 -5.11
C ARG B 315 15.64 2.66 -5.34
N ARG B 316 15.02 3.19 -4.28
CA ARG B 316 13.67 3.76 -4.35
C ARG B 316 13.57 4.95 -5.28
N ASP B 317 14.48 5.90 -5.12
CA ASP B 317 14.52 7.10 -5.94
C ASP B 317 14.59 6.81 -7.44
N VAL B 318 15.60 6.06 -7.88
CA VAL B 318 15.78 5.77 -9.31
C VAL B 318 14.71 4.82 -9.87
N LYS B 319 14.29 3.84 -9.09
CA LYS B 319 13.35 2.84 -9.60
C LYS B 319 12.03 2.79 -8.83
N GLU B 320 10.94 3.02 -9.55
CA GLU B 320 9.60 2.93 -8.99
C GLU B 320 9.15 1.48 -9.00
N ILE B 321 8.50 1.06 -7.91
CA ILE B 321 8.04 -0.29 -7.80
C ILE B 321 6.54 -0.28 -7.52
N TYR B 322 5.77 -0.85 -8.44
CA TYR B 322 4.33 -0.83 -8.36
C TYR B 322 3.79 -1.89 -7.44
N SER B 323 2.60 -1.65 -6.90
CA SER B 323 2.07 -2.49 -5.84
C SER B 323 0.57 -2.54 -5.94
N HIS B 324 0.00 -3.69 -5.62
CA HIS B 324 -1.45 -3.86 -5.66
C HIS B 324 -1.88 -4.91 -4.68
N MET B 325 -2.92 -4.63 -3.91
CA MET B 325 -3.53 -5.66 -3.07
C MET B 325 -4.41 -6.51 -3.99
N THR B 326 -4.25 -7.82 -3.92
CA THR B 326 -4.95 -8.68 -4.87
C THR B 326 -5.66 -9.87 -4.25
N CYS B 327 -6.65 -10.37 -4.98
CA CYS B 327 -7.24 -11.66 -4.71
C CYS B 327 -7.27 -12.48 -5.99
N ALA B 328 -6.25 -13.30 -6.18
CA ALA B 328 -6.06 -14.08 -7.41
C ALA B 328 -7.28 -14.92 -7.80
N THR B 329 -7.96 -15.49 -6.81
CA THR B 329 -9.14 -16.30 -7.08
C THR B 329 -10.32 -15.45 -7.54
N ASP B 330 -10.27 -14.16 -7.28
CA ASP B 330 -11.35 -13.25 -7.66
C ASP B 330 -11.10 -12.69 -9.05
N THR B 331 -11.92 -13.12 -10.01
CA THR B 331 -11.72 -12.71 -11.40
C THR B 331 -11.90 -11.22 -11.57
N GLN B 332 -12.95 -10.66 -10.98
CA GLN B 332 -13.21 -9.24 -11.11
C GLN B 332 -12.00 -8.42 -10.63
N ASN B 333 -11.48 -8.80 -9.46
CA ASN B 333 -10.32 -8.12 -8.89
C ASN B 333 -9.14 -8.16 -9.84
N VAL B 334 -8.82 -9.35 -10.32
CA VAL B 334 -7.73 -9.54 -11.27
C VAL B 334 -7.96 -8.80 -12.60
N LYS B 335 -9.23 -8.60 -12.96
CA LYS B 335 -9.54 -7.82 -14.16
C LYS B 335 -9.06 -6.39 -13.99
N PHE B 336 -9.45 -5.77 -12.87
CA PHE B 336 -9.02 -4.40 -12.60
C PHE B 336 -7.51 -4.35 -12.43
N VAL B 337 -6.98 -5.31 -11.68
CA VAL B 337 -5.55 -5.38 -11.42
C VAL B 337 -4.74 -5.45 -12.71
N PHE B 338 -5.15 -6.35 -13.60
CA PHE B 338 -4.42 -6.56 -14.84
C PHE B 338 -4.61 -5.41 -15.83
N ASP B 339 -5.70 -4.68 -15.71
CA ASP B 339 -5.93 -3.48 -16.51
C ASP B 339 -4.96 -2.37 -16.12
N ALA B 340 -4.74 -2.24 -14.81
CA ALA B 340 -3.78 -1.29 -14.27
C ALA B 340 -2.36 -1.64 -14.72
N VAL B 341 -1.96 -2.89 -14.49
CA VAL B 341 -0.65 -3.37 -14.90
C VAL B 341 -0.42 -3.03 -16.36
N THR B 342 -1.39 -3.42 -17.19
CA THR B 342 -1.29 -3.19 -18.64
C THR B 342 -1.21 -1.70 -18.96
N ASP B 343 -1.90 -0.87 -18.18
CA ASP B 343 -1.81 0.57 -18.37
C ASP B 343 -0.43 1.08 -17.99
N ILE B 344 0.13 0.54 -16.92
CA ILE B 344 1.47 0.90 -16.50
C ILE B 344 2.49 0.53 -17.57
N ILE B 345 2.38 -0.68 -18.10
CA ILE B 345 3.37 -1.23 -19.04
C ILE B 345 3.42 -0.49 -20.38
N ILE B 346 2.26 -0.12 -20.90
CA ILE B 346 2.20 0.55 -22.19
C ILE B 346 2.77 1.97 -22.12
N LYS B 347 2.49 2.66 -21.03
CA LYS B 347 3.03 4.01 -20.83
C LYS B 347 4.52 3.98 -20.56
N GLU B 348 4.98 2.94 -19.87
CA GLU B 348 6.41 2.78 -19.55
C GLU B 348 7.21 2.19 -20.70
N ASN B 349 6.55 1.91 -21.82
CA ASN B 349 7.24 1.34 -22.99
C ASN B 349 6.65 1.80 -24.32
N LEU B 350 6.69 3.11 -24.57
CA LEU B 350 6.18 3.67 -25.82
C LEU B 350 7.20 3.53 -26.96
N LYS B 351 6.75 3.02 -28.09
CA LYS B 351 7.60 2.85 -29.27
C LYS B 351 6.83 3.28 -30.52
N ASP B 352 7.42 3.10 -31.70
CA ASP B 352 6.76 3.52 -32.93
C ASP B 352 5.66 2.55 -33.39
N CYS B 353 5.25 2.68 -34.65
CA CYS B 353 4.20 1.84 -35.22
C CYS B 353 4.79 0.80 -36.18
N GLY B 354 3.96 0.25 -37.06
CA GLY B 354 4.40 -0.71 -38.07
C GLY B 354 3.70 -0.51 -39.40
N LEU B 355 3.26 -1.60 -40.00
CA LEU B 355 2.47 -1.54 -41.25
C LEU B 355 0.99 -1.79 -40.93
N PHE B 356 0.45 -0.96 -40.04
CA PHE B 356 -0.90 -1.13 -39.52
C PHE B 356 -1.97 -0.88 -40.57
N HIS C 6 22.45 69.99 -32.25
CA HIS C 6 21.56 70.53 -31.19
C HIS C 6 22.25 70.57 -29.83
N MET C 7 21.64 71.25 -28.87
CA MET C 7 22.21 71.37 -27.53
C MET C 7 22.35 70.02 -26.83
N GLY C 8 23.24 69.96 -25.83
CA GLY C 8 23.52 68.73 -25.10
C GLY C 8 22.30 68.11 -24.43
N ALA C 9 21.38 68.96 -23.97
CA ALA C 9 20.14 68.50 -23.36
C ALA C 9 19.03 68.42 -24.40
N GLY C 10 18.49 67.22 -24.59
CA GLY C 10 17.43 67.00 -25.57
C GLY C 10 16.45 65.93 -25.15
N ALA C 11 15.27 66.35 -24.70
CA ALA C 11 14.24 65.42 -24.25
C ALA C 11 13.44 64.86 -25.43
N SER C 12 13.58 63.56 -25.65
CA SER C 12 12.90 62.88 -26.75
C SER C 12 13.49 61.50 -26.96
N ALA C 13 12.87 60.49 -26.35
CA ALA C 13 13.42 59.14 -26.38
C ALA C 13 12.60 58.19 -27.26
N GLU C 14 13.25 57.10 -27.69
CA GLU C 14 12.61 56.08 -28.52
C GLU C 14 13.29 54.73 -28.33
N GLU C 15 12.90 54.01 -27.28
CA GLU C 15 13.42 52.67 -27.02
C GLU C 15 12.34 51.64 -26.71
N LYS C 16 12.67 50.37 -26.99
CA LYS C 16 11.75 49.27 -26.76
C LYS C 16 11.76 48.79 -25.33
N HIS C 17 12.84 49.11 -24.63
CA HIS C 17 12.98 48.71 -23.24
C HIS C 17 11.70 48.99 -22.46
N SER C 18 11.14 50.18 -22.68
CA SER C 18 9.87 50.58 -22.07
C SER C 18 8.78 49.56 -22.39
N ARG C 19 8.75 49.13 -23.64
CA ARG C 19 7.78 48.15 -24.12
C ARG C 19 7.86 46.84 -23.34
N GLU C 20 9.06 46.52 -22.88
CA GLU C 20 9.31 45.25 -22.21
C GLU C 20 8.77 45.25 -20.79
N LEU C 21 8.68 46.43 -20.18
CA LEU C 21 8.11 46.54 -18.84
C LEU C 21 6.59 46.41 -18.88
N GLU C 22 5.99 46.76 -20.01
CA GLU C 22 4.55 46.56 -20.19
C GLU C 22 4.25 45.07 -20.22
N LYS C 23 5.02 44.32 -21.00
CA LYS C 23 4.90 42.88 -21.07
C LYS C 23 5.02 42.27 -19.69
N LYS C 24 6.19 42.42 -19.08
CA LYS C 24 6.42 41.88 -17.75
C LYS C 24 5.21 42.15 -16.86
N LEU C 25 4.74 43.39 -16.89
CA LEU C 25 3.57 43.79 -16.12
C LEU C 25 2.36 42.94 -16.48
N LYS C 26 2.08 42.83 -17.78
CA LYS C 26 0.95 42.05 -18.26
C LYS C 26 1.09 40.59 -17.80
N GLU C 27 2.16 39.93 -18.24
CA GLU C 27 2.48 38.58 -17.81
C GLU C 27 2.23 38.42 -16.32
N ASP C 28 2.80 39.34 -15.55
CA ASP C 28 2.69 39.33 -14.09
C ASP C 28 1.22 39.31 -13.69
N ALA C 29 0.46 40.30 -14.15
CA ALA C 29 -0.95 40.40 -13.81
C ALA C 29 -1.69 39.11 -14.10
N GLU C 30 -1.28 38.43 -15.17
CA GLU C 30 -1.93 37.20 -15.58
C GLU C 30 -1.54 36.00 -14.71
N LYS C 31 -1.60 36.19 -13.40
CA LYS C 31 -1.37 35.11 -12.45
C LYS C 31 -2.60 34.22 -12.34
N ASP C 32 -2.46 32.98 -12.79
CA ASP C 32 -3.54 32.01 -12.74
C ASP C 32 -3.54 31.40 -11.35
N ALA C 33 -2.65 31.87 -10.50
CA ALA C 33 -2.51 31.35 -9.16
C ALA C 33 -3.78 31.58 -8.34
N ARG C 34 -4.71 32.35 -8.89
CA ARG C 34 -5.99 32.59 -8.24
C ARG C 34 -7.05 31.57 -8.67
N THR C 35 -7.05 31.21 -9.95
CA THR C 35 -8.03 30.28 -10.49
C THR C 35 -7.71 28.83 -10.12
N VAL C 36 -8.77 28.07 -9.87
CA VAL C 36 -8.64 26.66 -9.53
C VAL C 36 -9.54 25.88 -10.47
N LYS C 37 -8.95 24.94 -11.21
CA LYS C 37 -9.77 24.16 -12.12
C LYS C 37 -10.05 22.75 -11.62
N LEU C 38 -11.28 22.53 -11.19
CA LEU C 38 -11.70 21.23 -10.69
C LEU C 38 -12.37 20.44 -11.79
N LEU C 39 -12.22 19.13 -11.75
CA LEU C 39 -12.92 18.25 -12.68
C LEU C 39 -13.90 17.39 -11.92
N LEU C 40 -15.17 17.44 -12.32
CA LEU C 40 -16.15 16.54 -11.77
C LEU C 40 -16.22 15.31 -12.64
N LEU C 41 -15.82 14.18 -12.09
CA LEU C 41 -15.83 12.93 -12.83
C LEU C 41 -16.56 11.89 -12.01
N GLY C 42 -17.07 10.87 -12.68
CA GLY C 42 -17.84 9.84 -12.02
C GLY C 42 -18.76 9.17 -13.01
N ALA C 43 -19.26 8.00 -12.63
CA ALA C 43 -20.20 7.29 -13.48
C ALA C 43 -21.53 8.03 -13.47
N GLY C 44 -22.27 7.96 -14.58
CA GLY C 44 -23.59 8.57 -14.65
C GLY C 44 -24.40 8.30 -13.39
N GLU C 45 -25.10 9.33 -12.90
CA GLU C 45 -25.98 9.18 -11.75
C GLU C 45 -25.23 9.11 -10.42
N SER C 46 -23.94 9.46 -10.45
CA SER C 46 -23.15 9.48 -9.22
C SER C 46 -23.48 10.67 -8.33
N GLY C 47 -23.69 11.83 -8.95
CA GLY C 47 -24.06 13.03 -8.21
C GLY C 47 -23.33 14.28 -8.69
N LYS C 48 -22.71 14.19 -9.85
CA LYS C 48 -21.92 15.29 -10.37
C LYS C 48 -22.72 16.58 -10.49
N SER C 49 -23.78 16.54 -11.30
CA SER C 49 -24.63 17.72 -11.54
C SER C 49 -25.18 18.32 -10.26
N THR C 50 -25.59 17.47 -9.34
CA THR C 50 -26.04 17.91 -8.04
C THR C 50 -24.97 18.77 -7.38
N ILE C 51 -23.73 18.29 -7.35
CA ILE C 51 -22.64 19.04 -6.73
C ILE C 51 -22.49 20.42 -7.39
N VAL C 52 -22.59 20.46 -8.70
CA VAL C 52 -22.60 21.72 -9.43
C VAL C 52 -23.75 22.59 -8.95
N LYS C 53 -24.95 22.03 -8.91
CA LYS C 53 -26.13 22.77 -8.49
C LYS C 53 -25.93 23.32 -7.10
N GLN C 54 -25.36 22.50 -6.23
CA GLN C 54 -25.02 22.93 -4.89
C GLN C 54 -24.04 24.09 -4.91
N MET C 55 -23.10 24.06 -5.86
CA MET C 55 -22.12 25.13 -5.96
C MET C 55 -22.77 26.49 -6.18
N LYS C 56 -23.73 26.56 -7.09
CA LYS C 56 -24.42 27.81 -7.35
C LYS C 56 -25.16 28.24 -6.06
N ILE C 57 -25.79 27.29 -5.35
CA ILE C 57 -26.51 27.61 -4.12
C ILE C 57 -25.62 28.16 -3.01
N ILE C 58 -24.44 27.55 -2.83
CA ILE C 58 -23.57 27.89 -1.70
C ILE C 58 -22.68 29.10 -1.97
N HIS C 59 -22.23 29.25 -3.22
CA HIS C 59 -21.24 30.26 -3.53
C HIS C 59 -21.77 31.31 -4.50
N GLN C 60 -23.09 31.31 -4.70
CA GLN C 60 -23.76 32.26 -5.55
C GLN C 60 -25.21 32.37 -5.13
N ASP C 61 -26.06 32.95 -5.97
CA ASP C 61 -27.47 33.02 -5.66
C ASP C 61 -28.20 31.76 -6.13
N PRO C 62 -28.84 31.05 -5.19
CA PRO C 62 -29.67 29.91 -5.55
C PRO C 62 -30.56 30.28 -6.73
N TYR C 63 -30.69 29.37 -7.68
CA TYR C 63 -31.54 29.57 -8.84
C TYR C 63 -32.70 30.52 -8.52
N SER C 64 -32.75 31.65 -9.23
CA SER C 64 -33.82 32.63 -9.03
C SER C 64 -35.14 32.10 -9.59
N LEU C 65 -36.24 32.64 -9.08
CA LEU C 65 -37.57 32.17 -9.45
C LEU C 65 -37.67 31.63 -10.88
N GLU C 66 -37.30 32.45 -11.85
CA GLU C 66 -37.39 32.04 -13.25
C GLU C 66 -36.70 30.72 -13.51
N GLU C 67 -35.53 30.55 -12.92
CA GLU C 67 -34.74 29.33 -13.10
C GLU C 67 -35.39 28.14 -12.38
N CYS C 68 -35.90 28.37 -11.17
CA CYS C 68 -36.60 27.32 -10.43
C CYS C 68 -37.74 26.72 -11.25
N LEU C 69 -38.50 27.60 -11.90
CA LEU C 69 -39.65 27.16 -12.69
C LEU C 69 -39.25 26.20 -13.79
N GLU C 70 -38.13 26.48 -14.44
CA GLU C 70 -37.61 25.62 -15.49
C GLU C 70 -37.49 24.16 -15.07
N PHE C 71 -37.57 23.91 -13.77
CA PHE C 71 -37.41 22.55 -13.26
C PHE C 71 -38.72 21.75 -13.19
N ILE C 72 -39.86 22.42 -13.32
CA ILE C 72 -41.14 21.71 -13.31
C ILE C 72 -41.22 20.68 -14.44
N ALA C 73 -40.89 21.11 -15.65
CA ALA C 73 -40.89 20.23 -16.81
C ALA C 73 -40.00 19.01 -16.59
N ILE C 74 -38.87 19.23 -15.94
CA ILE C 74 -37.92 18.17 -15.61
C ILE C 74 -38.47 17.27 -14.50
N ILE C 75 -38.92 17.89 -13.41
CA ILE C 75 -39.44 17.15 -12.26
C ILE C 75 -40.61 16.26 -12.65
N TYR C 76 -41.55 16.81 -13.42
CA TYR C 76 -42.71 16.03 -13.87
C TYR C 76 -42.29 14.86 -14.75
N GLY C 77 -41.30 15.09 -15.61
CA GLY C 77 -40.75 14.03 -16.45
C GLY C 77 -40.09 12.96 -15.60
N ASN C 78 -39.51 13.37 -14.48
CA ASN C 78 -38.84 12.44 -13.57
C ASN C 78 -39.85 11.59 -12.81
N THR C 79 -40.96 12.20 -12.42
CA THR C 79 -42.02 11.48 -11.70
C THR C 79 -42.80 10.57 -12.65
N LEU C 80 -42.97 11.00 -13.90
CA LEU C 80 -43.71 10.20 -14.87
C LEU C 80 -42.99 8.90 -15.19
N GLN C 81 -41.73 9.00 -15.61
CA GLN C 81 -40.95 7.82 -15.97
C GLN C 81 -40.59 7.02 -14.73
N SER C 82 -40.78 7.63 -13.56
CA SER C 82 -40.55 6.94 -12.30
C SER C 82 -41.51 5.76 -12.11
N ILE C 83 -42.82 6.04 -12.13
CA ILE C 83 -43.82 5.00 -11.94
C ILE C 83 -43.99 4.17 -13.20
N LEU C 84 -43.88 4.81 -14.36
CA LEU C 84 -43.91 4.09 -15.63
C LEU C 84 -42.88 2.96 -15.62
N ALA C 85 -41.86 3.11 -14.81
CA ALA C 85 -40.84 2.08 -14.64
C ALA C 85 -41.24 1.06 -13.58
N ILE C 86 -41.92 1.53 -12.54
CA ILE C 86 -42.42 0.64 -11.49
C ILE C 86 -43.46 -0.33 -12.07
N VAL C 87 -44.39 0.21 -12.85
CA VAL C 87 -45.47 -0.61 -13.41
C VAL C 87 -44.96 -1.55 -14.51
N ARG C 88 -43.99 -1.09 -15.29
CA ARG C 88 -43.41 -1.93 -16.35
C ARG C 88 -42.66 -3.10 -15.73
N ALA C 89 -42.11 -2.88 -14.54
CA ALA C 89 -41.42 -3.93 -13.81
C ALA C 89 -42.41 -4.60 -12.85
N MET C 90 -43.56 -3.97 -12.67
CA MET C 90 -44.64 -4.57 -11.89
C MET C 90 -45.34 -5.61 -12.76
N THR C 91 -45.08 -5.54 -14.06
CA THR C 91 -45.56 -6.55 -14.99
C THR C 91 -44.88 -7.88 -14.69
N THR C 92 -43.77 -7.80 -13.96
CA THR C 92 -43.05 -8.99 -13.53
C THR C 92 -43.91 -9.82 -12.60
N LEU C 93 -43.89 -11.15 -12.82
CA LEU C 93 -44.63 -12.17 -12.06
C LEU C 93 -44.23 -12.11 -10.57
N ASN C 94 -45.10 -12.59 -9.68
CA ASN C 94 -44.86 -12.57 -8.24
C ASN C 94 -45.23 -11.23 -7.61
N ILE C 95 -45.54 -10.25 -8.46
CA ILE C 95 -45.97 -8.94 -7.99
C ILE C 95 -47.39 -8.99 -7.46
N GLN C 96 -47.63 -8.30 -6.35
CA GLN C 96 -48.95 -8.31 -5.72
C GLN C 96 -49.62 -6.95 -5.73
N TYR C 97 -50.66 -6.81 -6.55
CA TYR C 97 -51.52 -5.63 -6.51
C TYR C 97 -52.40 -5.68 -5.27
N GLY C 98 -51.97 -4.99 -4.21
CA GLY C 98 -52.68 -5.00 -2.93
C GLY C 98 -54.18 -4.79 -3.04
N ASP C 99 -54.58 -3.82 -3.84
CA ASP C 99 -56.00 -3.53 -4.05
C ASP C 99 -56.38 -3.75 -5.51
N SER C 100 -57.62 -4.20 -5.73
CA SER C 100 -58.09 -4.55 -7.06
C SER C 100 -58.45 -3.33 -7.92
N ALA C 101 -58.72 -2.21 -7.28
CA ALA C 101 -59.15 -0.99 -7.97
C ALA C 101 -58.06 -0.39 -8.85
N ARG C 102 -56.80 -0.64 -8.50
CA ARG C 102 -55.67 -0.07 -9.22
C ARG C 102 -55.13 -1.02 -10.29
N GLN C 103 -55.98 -2.00 -10.65
CA GLN C 103 -55.71 -3.02 -11.66
C GLN C 103 -55.82 -2.43 -13.10
N ASP C 104 -56.85 -1.61 -13.33
CA ASP C 104 -57.12 -0.95 -14.61
C ASP C 104 -56.32 0.33 -14.79
N ASP C 105 -55.94 0.94 -13.67
CA ASP C 105 -55.17 2.19 -13.70
C ASP C 105 -53.91 2.05 -14.54
N ALA C 106 -53.23 0.92 -14.38
CA ALA C 106 -51.97 0.67 -15.08
C ALA C 106 -52.17 0.52 -16.60
N ARG C 107 -53.27 -0.11 -17.00
CA ARG C 107 -53.53 -0.36 -18.41
C ARG C 107 -53.68 0.92 -19.23
N LYS C 108 -54.44 1.88 -18.70
CA LYS C 108 -54.68 3.12 -19.42
C LYS C 108 -53.68 4.24 -19.09
N LEU C 109 -52.79 3.99 -18.14
CA LEU C 109 -51.77 4.98 -17.80
C LEU C 109 -50.72 5.07 -18.91
N MET C 110 -50.21 3.92 -19.34
CA MET C 110 -49.28 3.86 -20.47
C MET C 110 -49.86 4.59 -21.68
N HIS C 111 -51.13 4.33 -21.95
CA HIS C 111 -51.84 4.98 -23.04
C HIS C 111 -51.92 6.48 -22.76
N MET C 112 -52.24 6.84 -21.52
CA MET C 112 -52.35 8.23 -21.11
C MET C 112 -51.00 8.91 -21.06
N ALA C 113 -49.95 8.14 -20.79
CA ALA C 113 -48.61 8.68 -20.63
C ALA C 113 -47.92 8.97 -21.96
N ASP C 114 -48.05 8.04 -22.91
CA ASP C 114 -47.36 8.16 -24.18
C ASP C 114 -48.02 9.17 -25.13
N THR C 115 -49.22 9.63 -24.77
CA THR C 115 -49.96 10.54 -25.63
C THR C 115 -49.63 12.02 -25.39
N ILE C 116 -49.27 12.35 -24.15
CA ILE C 116 -49.01 13.74 -23.78
C ILE C 116 -47.59 14.17 -24.10
N GLU C 117 -47.33 15.48 -23.98
CA GLU C 117 -45.97 16.01 -24.11
C GLU C 117 -45.19 15.69 -22.84
N GLU C 118 -43.88 15.66 -22.95
CA GLU C 118 -43.03 15.19 -21.85
C GLU C 118 -43.10 16.08 -20.62
N GLY C 119 -42.78 17.36 -20.78
CA GLY C 119 -42.68 18.28 -19.66
C GLY C 119 -43.99 18.88 -19.19
N THR C 120 -44.95 18.02 -18.87
CA THR C 120 -46.26 18.48 -18.42
C THR C 120 -46.86 17.52 -17.40
N MET C 121 -48.04 17.88 -16.87
CA MET C 121 -48.71 17.06 -15.88
C MET C 121 -50.17 17.49 -15.72
N PRO C 122 -51.11 16.72 -16.31
CA PRO C 122 -52.53 17.00 -16.17
C PRO C 122 -53.10 16.49 -14.85
N LYS C 123 -54.27 17.00 -14.47
CA LYS C 123 -54.94 16.64 -13.22
C LYS C 123 -55.31 15.15 -13.19
N GLU C 124 -55.71 14.63 -14.35
CA GLU C 124 -56.12 13.23 -14.46
C GLU C 124 -54.99 12.28 -14.13
N MET C 125 -53.84 12.50 -14.77
CA MET C 125 -52.66 11.68 -14.56
C MET C 125 -52.24 11.66 -13.09
N SER C 126 -52.33 12.82 -12.45
CA SER C 126 -51.93 12.94 -11.05
C SER C 126 -52.74 12.03 -10.14
N ASP C 127 -54.06 12.09 -10.28
CA ASP C 127 -54.96 11.34 -9.41
C ASP C 127 -54.77 9.82 -9.51
N ILE C 128 -54.39 9.35 -10.70
CA ILE C 128 -54.07 7.94 -10.88
C ILE C 128 -52.83 7.58 -10.07
N ILE C 129 -51.75 8.30 -10.32
CA ILE C 129 -50.47 8.07 -9.64
C ILE C 129 -50.60 8.30 -8.13
N GLN C 130 -51.11 9.47 -7.75
CA GLN C 130 -51.30 9.83 -6.36
C GLN C 130 -52.06 8.73 -5.63
N ARG C 131 -52.83 7.98 -6.39
CA ARG C 131 -53.62 6.87 -5.87
C ARG C 131 -52.81 5.59 -5.94
N LEU C 132 -52.07 5.41 -7.03
CA LEU C 132 -51.23 4.24 -7.26
C LEU C 132 -50.13 4.10 -6.21
N TRP C 133 -49.63 5.23 -5.72
CA TRP C 133 -48.58 5.23 -4.72
C TRP C 133 -49.05 4.60 -3.41
N LYS C 134 -50.33 4.79 -3.10
CA LYS C 134 -50.93 4.25 -1.89
C LYS C 134 -51.00 2.71 -1.90
N ASP C 135 -51.33 2.14 -3.07
CA ASP C 135 -51.45 0.69 -3.25
C ASP C 135 -50.24 -0.07 -2.70
N SER C 136 -50.50 -0.99 -1.78
CA SER C 136 -49.44 -1.78 -1.17
C SER C 136 -48.81 -2.73 -2.18
N GLY C 137 -49.35 -2.74 -3.39
CA GLY C 137 -48.77 -3.53 -4.48
C GLY C 137 -47.58 -2.83 -5.12
N ILE C 138 -47.79 -1.57 -5.51
CA ILE C 138 -46.72 -0.73 -6.01
C ILE C 138 -45.62 -0.65 -4.96
N GLN C 139 -46.03 -0.57 -3.70
CA GLN C 139 -45.11 -0.45 -2.58
C GLN C 139 -44.10 -1.59 -2.46
N ALA C 140 -44.55 -2.80 -2.78
CA ALA C 140 -43.66 -3.96 -2.77
C ALA C 140 -42.68 -3.88 -3.93
N CYS C 141 -43.16 -3.37 -5.06
CA CYS C 141 -42.35 -3.22 -6.27
C CYS C 141 -41.27 -2.15 -6.08
N PHE C 142 -41.61 -1.12 -5.31
CA PHE C 142 -40.67 -0.03 -5.04
C PHE C 142 -39.54 -0.46 -4.11
N ASP C 143 -39.77 -1.53 -3.36
CA ASP C 143 -38.74 -2.09 -2.47
C ASP C 143 -37.75 -2.92 -3.28
N ARG C 144 -38.26 -3.59 -4.30
CA ARG C 144 -37.42 -4.37 -5.21
C ARG C 144 -36.86 -3.47 -6.29
N ALA C 145 -36.70 -2.19 -5.97
CA ALA C 145 -36.22 -1.18 -6.91
C ALA C 145 -34.84 -1.52 -7.46
N SER C 146 -34.11 -2.36 -6.74
CA SER C 146 -32.74 -2.70 -7.08
C SER C 146 -32.62 -3.74 -8.19
N GLU C 147 -33.76 -4.33 -8.59
CA GLU C 147 -33.75 -5.36 -9.62
C GLU C 147 -34.02 -4.78 -11.01
N TYR C 148 -34.12 -3.44 -11.07
CA TYR C 148 -34.35 -2.74 -12.33
C TYR C 148 -33.86 -1.29 -12.23
N GLN C 149 -34.05 -0.53 -13.31
CA GLN C 149 -33.63 0.87 -13.32
C GLN C 149 -34.72 1.77 -12.75
N LEU C 150 -34.35 2.58 -11.77
CA LEU C 150 -35.29 3.51 -11.14
C LEU C 150 -34.57 4.67 -10.48
N ASN C 151 -34.89 5.89 -10.92
CA ASN C 151 -34.36 7.09 -10.30
C ASN C 151 -34.59 7.04 -8.79
N ASP C 152 -33.68 7.66 -8.05
CA ASP C 152 -33.72 7.59 -6.59
C ASP C 152 -34.66 8.65 -6.02
N SER C 153 -34.85 9.73 -6.78
CA SER C 153 -35.74 10.80 -6.37
C SER C 153 -37.21 10.37 -6.42
N ALA C 154 -37.44 9.17 -6.95
CA ALA C 154 -38.78 8.60 -7.06
C ALA C 154 -39.51 8.64 -5.73
N GLY C 155 -38.90 8.08 -4.70
CA GLY C 155 -39.49 8.06 -3.37
C GLY C 155 -39.83 9.45 -2.91
N TYR C 156 -38.93 10.39 -3.17
CA TYR C 156 -39.10 11.78 -2.77
C TYR C 156 -40.23 12.46 -3.53
N TYR C 157 -40.29 12.23 -4.84
CA TYR C 157 -41.25 12.91 -5.71
C TYR C 157 -42.66 12.31 -5.64
N LEU C 158 -42.77 11.06 -5.23
CA LEU C 158 -44.07 10.41 -5.16
C LEU C 158 -44.70 10.55 -3.78
N SER C 159 -44.02 11.26 -2.89
CA SER C 159 -44.54 11.55 -1.57
C SER C 159 -45.23 12.90 -1.58
N ASP C 160 -44.54 13.92 -2.06
CA ASP C 160 -45.07 15.28 -2.07
C ASP C 160 -45.59 15.65 -3.46
N LEU C 161 -46.14 14.68 -4.17
CA LEU C 161 -46.66 14.90 -5.51
C LEU C 161 -47.73 15.98 -5.52
N GLU C 162 -48.65 15.91 -4.57
CA GLU C 162 -49.76 16.86 -4.51
C GLU C 162 -49.23 18.29 -4.37
N ARG C 163 -48.23 18.46 -3.51
CA ARG C 163 -47.63 19.77 -3.27
C ARG C 163 -46.93 20.27 -4.53
N LEU C 164 -46.57 19.33 -5.40
CA LEU C 164 -45.92 19.66 -6.66
C LEU C 164 -46.95 19.98 -7.73
N VAL C 165 -48.08 19.28 -7.71
CA VAL C 165 -49.10 19.44 -8.73
C VAL C 165 -50.07 20.57 -8.40
N THR C 166 -50.11 20.97 -7.13
CA THR C 166 -50.87 22.14 -6.70
C THR C 166 -50.56 23.30 -7.64
N PRO C 167 -51.59 23.82 -8.31
CA PRO C 167 -51.39 24.92 -9.25
C PRO C 167 -50.65 26.10 -8.61
N GLY C 168 -49.67 26.64 -9.35
CA GLY C 168 -48.88 27.78 -8.87
C GLY C 168 -47.64 27.37 -8.11
N TYR C 169 -47.39 26.06 -8.07
CA TYR C 169 -46.25 25.50 -7.36
C TYR C 169 -44.91 26.03 -7.86
N VAL C 170 -44.03 26.35 -6.92
CA VAL C 170 -42.66 26.74 -7.23
C VAL C 170 -41.69 25.78 -6.53
N PRO C 171 -40.86 25.09 -7.33
CA PRO C 171 -39.90 24.10 -6.82
C PRO C 171 -38.92 24.70 -5.82
N THR C 172 -38.81 24.07 -4.66
CA THR C 172 -37.78 24.47 -3.70
C THR C 172 -36.42 24.03 -4.22
N GLU C 173 -35.37 24.39 -3.50
CA GLU C 173 -34.03 23.97 -3.87
C GLU C 173 -33.94 22.44 -3.92
N GLN C 174 -34.40 21.76 -2.87
CA GLN C 174 -34.34 20.30 -2.87
C GLN C 174 -34.97 19.79 -4.15
N ASP C 175 -36.11 20.36 -4.52
CA ASP C 175 -36.76 19.92 -5.76
C ASP C 175 -35.82 20.01 -6.95
N VAL C 176 -35.03 21.08 -6.98
CA VAL C 176 -34.01 21.25 -7.99
C VAL C 176 -32.94 20.17 -7.82
N LEU C 177 -32.38 20.09 -6.61
CA LEU C 177 -31.28 19.17 -6.31
C LEU C 177 -31.65 17.71 -6.50
N ARG C 178 -32.95 17.43 -6.50
CA ARG C 178 -33.42 16.07 -6.67
C ARG C 178 -33.72 15.76 -8.13
N SER C 179 -33.71 16.80 -8.96
CA SER C 179 -33.98 16.63 -10.38
C SER C 179 -32.91 15.76 -11.02
N ARG C 180 -33.22 15.18 -12.17
CA ARG C 180 -32.28 14.33 -12.88
C ARG C 180 -32.37 14.58 -14.38
N VAL C 181 -31.25 14.94 -14.99
CA VAL C 181 -31.19 15.13 -16.44
C VAL C 181 -29.87 14.54 -16.94
N LYS C 182 -29.94 13.60 -17.87
CA LYS C 182 -28.72 13.02 -18.43
C LYS C 182 -28.11 13.95 -19.47
N THR C 183 -26.82 14.23 -19.32
CA THR C 183 -26.07 15.01 -20.30
C THR C 183 -24.84 14.21 -20.74
N THR C 184 -24.45 14.38 -21.99
CA THR C 184 -23.35 13.61 -22.55
C THR C 184 -22.03 14.37 -22.59
N GLY C 185 -22.10 15.68 -22.80
CA GLY C 185 -20.90 16.52 -22.88
C GLY C 185 -20.44 17.08 -21.55
N ILE C 186 -20.15 18.38 -21.52
CA ILE C 186 -19.60 19.00 -20.32
C ILE C 186 -20.43 20.16 -19.79
N ILE C 187 -20.67 20.14 -18.48
CA ILE C 187 -21.26 21.27 -17.78
C ILE C 187 -20.13 22.05 -17.12
N GLU C 188 -20.06 23.35 -17.35
CA GLU C 188 -19.10 24.18 -16.65
C GLU C 188 -19.81 24.99 -15.57
N THR C 189 -19.04 25.58 -14.67
CA THR C 189 -19.58 26.50 -13.68
C THR C 189 -18.45 27.27 -13.00
N GLN C 190 -18.56 28.59 -12.99
CA GLN C 190 -17.53 29.39 -12.37
C GLN C 190 -18.03 30.19 -11.20
N PHE C 191 -17.37 30.01 -10.07
CA PHE C 191 -17.73 30.71 -8.85
C PHE C 191 -16.49 31.15 -8.07
N SER C 192 -16.71 31.94 -7.03
CA SER C 192 -15.61 32.40 -6.18
C SER C 192 -15.80 31.88 -4.76
N PHE C 193 -14.69 31.79 -4.03
CA PHE C 193 -14.71 31.28 -2.65
C PHE C 193 -13.35 31.50 -2.02
N LYS C 194 -13.34 31.98 -0.78
CA LYS C 194 -12.10 32.27 -0.07
C LYS C 194 -11.14 33.03 -0.99
N ASP C 195 -11.71 33.84 -1.87
CA ASP C 195 -10.98 34.67 -2.83
C ASP C 195 -10.16 33.86 -3.84
N LEU C 196 -10.74 32.76 -4.31
CA LEU C 196 -10.17 31.94 -5.37
C LEU C 196 -11.21 31.74 -6.49
N ASN C 197 -10.80 31.96 -7.73
CA ASN C 197 -11.72 31.76 -8.86
C ASN C 197 -11.87 30.31 -9.31
N PHE C 198 -12.80 29.60 -8.69
CA PHE C 198 -13.03 28.19 -9.01
C PHE C 198 -13.66 27.98 -10.37
N ARG C 199 -13.30 26.88 -11.01
CA ARG C 199 -13.90 26.46 -12.28
C ARG C 199 -14.11 24.95 -12.26
N MET C 200 -15.36 24.52 -12.12
CA MET C 200 -15.68 23.11 -12.09
C MET C 200 -16.18 22.60 -13.43
N PHE C 201 -15.60 21.50 -13.91
CA PHE C 201 -15.99 20.92 -15.19
C PHE C 201 -16.59 19.55 -15.03
N ASP C 202 -17.90 19.47 -15.26
CA ASP C 202 -18.65 18.23 -15.15
C ASP C 202 -18.49 17.44 -16.43
N VAL C 203 -18.00 16.21 -16.32
CA VAL C 203 -17.80 15.32 -17.46
C VAL C 203 -18.53 14.00 -17.24
N GLY C 204 -19.27 13.53 -18.25
CA GLY C 204 -20.10 12.35 -18.05
C GLY C 204 -20.19 11.35 -19.19
N GLY C 205 -19.97 11.82 -20.41
CA GLY C 205 -20.04 10.95 -21.59
C GLY C 205 -18.84 10.05 -21.75
N GLN C 206 -18.89 8.89 -21.10
CA GLN C 206 -17.81 7.90 -21.18
C GLN C 206 -18.36 6.48 -21.24
N ARG C 207 -18.78 6.08 -22.44
CA ARG C 207 -19.34 4.75 -22.64
C ARG C 207 -18.33 3.85 -23.37
N SER C 208 -17.88 2.81 -22.68
CA SER C 208 -16.77 1.97 -23.13
C SER C 208 -15.44 2.72 -23.08
N GLU C 209 -15.26 3.50 -22.01
CA GLU C 209 -14.03 4.28 -21.76
C GLU C 209 -13.46 4.95 -23.02
N ARG C 210 -14.17 5.95 -23.53
CA ARG C 210 -13.80 6.56 -24.82
C ARG C 210 -13.49 8.06 -24.78
N LYS C 211 -13.23 8.60 -23.59
CA LYS C 211 -12.84 10.01 -23.50
C LYS C 211 -11.34 10.16 -23.68
N LYS C 212 -10.95 10.82 -24.76
CA LYS C 212 -9.58 10.75 -25.25
C LYS C 212 -8.69 11.89 -24.81
N TRP C 213 -9.30 13.02 -24.48
CA TRP C 213 -8.54 14.28 -24.40
C TRP C 213 -8.62 14.98 -23.05
N ILE C 214 -9.49 14.53 -22.16
CA ILE C 214 -9.58 15.11 -20.83
C ILE C 214 -8.18 15.23 -20.22
N HIS C 215 -7.26 14.44 -20.77
CA HIS C 215 -5.91 14.32 -20.22
C HIS C 215 -4.99 15.47 -20.64
N CYS C 216 -5.27 16.08 -21.79
CA CYS C 216 -4.49 17.23 -22.24
C CYS C 216 -5.07 18.54 -21.67
N PHE C 217 -6.03 18.40 -20.77
CA PHE C 217 -6.64 19.55 -20.10
C PHE C 217 -5.63 20.21 -19.18
N GLU C 218 -5.52 21.54 -19.24
CA GLU C 218 -4.48 22.25 -18.49
C GLU C 218 -5.03 23.05 -17.30
N GLY C 219 -4.18 23.21 -16.29
CA GLY C 219 -4.52 24.03 -15.13
C GLY C 219 -5.38 23.31 -14.11
N VAL C 220 -5.63 22.02 -14.34
CA VAL C 220 -6.47 21.25 -13.45
C VAL C 220 -5.80 21.04 -12.08
N THR C 221 -6.35 21.69 -11.07
CA THR C 221 -5.84 21.62 -9.72
C THR C 221 -6.07 20.24 -9.10
N ALA C 222 -7.34 19.84 -9.06
CA ALA C 222 -7.70 18.58 -8.44
C ALA C 222 -8.90 17.95 -9.15
N ILE C 223 -9.00 16.64 -9.01
CA ILE C 223 -10.10 15.89 -9.57
C ILE C 223 -11.03 15.44 -8.45
N ILE C 224 -12.32 15.67 -8.64
CA ILE C 224 -13.32 15.18 -7.72
C ILE C 224 -14.03 14.01 -8.36
N PHE C 225 -13.88 12.83 -7.76
CA PHE C 225 -14.52 11.64 -8.29
C PHE C 225 -15.74 11.30 -7.45
N CYS C 226 -16.89 11.21 -8.12
CA CYS C 226 -18.14 10.92 -7.42
C CYS C 226 -18.50 9.45 -7.53
N VAL C 227 -18.77 8.85 -6.38
CA VAL C 227 -19.17 7.44 -6.32
C VAL C 227 -20.52 7.28 -5.63
N ALA C 228 -21.46 6.68 -6.35
CA ALA C 228 -22.77 6.39 -5.80
C ALA C 228 -22.70 5.16 -4.90
N LEU C 229 -22.62 5.37 -3.60
CA LEU C 229 -22.61 4.28 -2.65
C LEU C 229 -23.84 3.38 -2.80
N SER C 230 -24.93 3.96 -3.28
CA SER C 230 -26.19 3.24 -3.38
C SER C 230 -26.31 2.41 -4.66
N ASP C 231 -25.18 1.95 -5.18
CA ASP C 231 -25.17 1.18 -6.41
C ASP C 231 -24.58 -0.22 -6.25
N TYR C 232 -24.18 -0.54 -5.02
CA TYR C 232 -23.51 -1.81 -4.77
C TYR C 232 -24.41 -3.01 -5.05
N ASP C 233 -25.68 -2.90 -4.67
CA ASP C 233 -26.64 -3.95 -4.95
C ASP C 233 -27.41 -3.63 -6.24
N LEU C 234 -27.35 -2.37 -6.65
CA LEU C 234 -28.00 -1.94 -7.87
C LEU C 234 -27.32 -2.59 -9.07
N VAL C 235 -27.82 -3.75 -9.45
CA VAL C 235 -27.23 -4.52 -10.53
C VAL C 235 -28.01 -4.36 -11.84
N LEU C 236 -27.30 -4.00 -12.91
CA LEU C 236 -27.93 -3.84 -14.23
C LEU C 236 -28.49 -5.17 -14.73
N ALA C 237 -29.64 -5.10 -15.41
CA ALA C 237 -30.28 -6.30 -15.95
C ALA C 237 -29.91 -6.54 -17.41
N GLU C 238 -29.67 -5.46 -18.14
CA GLU C 238 -29.26 -5.55 -19.54
C GLU C 238 -27.84 -6.12 -19.65
N ASP C 239 -26.90 -5.50 -18.94
CA ASP C 239 -25.49 -5.91 -18.98
C ASP C 239 -25.31 -7.35 -18.48
N GLU C 240 -25.43 -7.53 -17.17
CA GLU C 240 -25.29 -8.86 -16.58
C GLU C 240 -24.97 -8.84 -15.10
N GLU C 241 -24.22 -9.85 -14.65
CA GLU C 241 -23.80 -9.95 -13.25
C GLU C 241 -22.84 -8.82 -12.85
N MET C 242 -22.41 -8.03 -13.83
CA MET C 242 -21.50 -6.90 -13.58
C MET C 242 -22.26 -5.58 -13.51
N ASN C 243 -22.20 -4.94 -12.35
CA ASN C 243 -23.06 -3.80 -12.04
C ASN C 243 -22.46 -2.42 -12.34
N ARG C 244 -23.20 -1.39 -11.94
CA ARG C 244 -22.82 0.00 -12.11
C ARG C 244 -21.65 0.35 -11.20
N MET C 245 -21.51 -0.42 -10.13
CA MET C 245 -20.43 -0.23 -9.17
C MET C 245 -19.09 -0.50 -9.82
N HIS C 246 -19.03 -1.57 -10.59
CA HIS C 246 -17.79 -1.93 -11.29
C HIS C 246 -17.51 -0.99 -12.44
N GLU C 247 -18.56 -0.44 -13.05
CA GLU C 247 -18.41 0.54 -14.11
C GLU C 247 -17.83 1.83 -13.54
N SER C 248 -18.06 2.04 -12.24
CA SER C 248 -17.49 3.16 -11.53
C SER C 248 -16.01 2.89 -11.27
N MET C 249 -15.75 1.83 -10.52
CA MET C 249 -14.39 1.38 -10.27
C MET C 249 -13.58 1.37 -11.54
N HIS C 250 -14.17 0.80 -12.59
CA HIS C 250 -13.50 0.73 -13.88
C HIS C 250 -13.01 2.11 -14.32
N LEU C 251 -13.86 3.12 -14.18
CA LEU C 251 -13.51 4.48 -14.59
C LEU C 251 -12.46 5.07 -13.66
N PHE C 252 -12.55 4.75 -12.37
CA PHE C 252 -11.60 5.23 -11.37
C PHE C 252 -10.25 4.55 -11.57
N ASN C 253 -10.31 3.27 -11.87
CA ASN C 253 -9.13 2.48 -12.19
C ASN C 253 -8.37 3.08 -13.35
N SER C 254 -9.10 3.65 -14.29
CA SER C 254 -8.50 4.26 -15.46
C SER C 254 -7.86 5.60 -15.11
N ILE C 255 -8.66 6.50 -14.54
CA ILE C 255 -8.19 7.83 -14.17
C ILE C 255 -6.88 7.79 -13.37
N CYS C 256 -6.87 6.97 -12.32
CA CYS C 256 -5.73 6.86 -11.42
C CYS C 256 -4.47 6.37 -12.08
N ASN C 257 -4.61 5.36 -12.93
CA ASN C 257 -3.47 4.69 -13.52
C ASN C 257 -3.07 5.26 -14.89
N ASN C 258 -3.76 6.32 -15.30
CA ASN C 258 -3.34 7.08 -16.47
C ASN C 258 -2.27 8.08 -16.07
N LYS C 259 -1.18 8.06 -16.82
CA LYS C 259 0.03 8.82 -16.50
C LYS C 259 -0.18 10.35 -16.48
N TRP C 260 -1.35 10.79 -16.95
CA TRP C 260 -1.61 12.23 -17.16
C TRP C 260 -1.77 13.08 -15.89
N PHE C 261 -1.87 12.43 -14.74
CA PHE C 261 -2.10 13.15 -13.48
C PHE C 261 -1.22 14.40 -13.30
N THR C 262 0.03 14.33 -13.77
CA THR C 262 0.98 15.43 -13.57
C THR C 262 0.84 16.06 -12.18
N ASP C 263 0.80 15.20 -11.16
CA ASP C 263 0.67 15.66 -9.77
C ASP C 263 -0.75 16.05 -9.36
N THR C 264 -1.75 15.63 -10.14
CA THR C 264 -3.14 15.94 -9.85
C THR C 264 -3.63 15.31 -8.55
N SER C 265 -4.51 16.03 -7.84
CA SER C 265 -5.08 15.57 -6.58
C SER C 265 -6.42 14.89 -6.81
N ILE C 266 -6.63 13.74 -6.17
CA ILE C 266 -7.87 13.01 -6.31
C ILE C 266 -8.68 13.09 -5.04
N ILE C 267 -9.73 13.90 -5.07
CA ILE C 267 -10.69 13.91 -3.99
C ILE C 267 -11.70 12.82 -4.31
N LEU C 268 -12.12 12.08 -3.29
CA LEU C 268 -13.08 11.00 -3.49
C LEU C 268 -14.36 11.23 -2.72
N PHE C 269 -15.42 11.61 -3.42
CA PHE C 269 -16.73 11.78 -2.80
C PHE C 269 -17.47 10.45 -2.76
N LEU C 270 -17.57 9.85 -1.57
CA LEU C 270 -18.44 8.70 -1.39
C LEU C 270 -19.88 9.19 -1.21
N ASN C 271 -20.62 9.22 -2.32
CA ASN C 271 -21.88 9.94 -2.37
C ASN C 271 -23.10 9.07 -2.03
N LYS C 272 -24.24 9.73 -1.88
CA LYS C 272 -25.50 9.06 -1.62
C LYS C 272 -25.44 8.20 -0.37
N LYS C 273 -24.78 8.71 0.66
CA LYS C 273 -24.71 7.96 1.92
C LYS C 273 -26.10 7.80 2.51
N ASP C 274 -26.93 8.81 2.34
CA ASP C 274 -28.30 8.78 2.85
C ASP C 274 -29.03 7.53 2.32
N LEU C 275 -29.05 7.36 1.01
CA LEU C 275 -29.69 6.21 0.39
C LEU C 275 -28.96 4.92 0.73
N PHE C 276 -27.66 5.04 0.99
CA PHE C 276 -26.83 3.89 1.33
C PHE C 276 -27.20 3.36 2.73
N GLU C 277 -27.32 4.29 3.68
CA GLU C 277 -27.63 3.95 5.07
C GLU C 277 -28.94 3.17 5.19
N GLU C 278 -29.86 3.41 4.26
CA GLU C 278 -31.11 2.67 4.22
C GLU C 278 -30.83 1.22 3.85
N LYS C 279 -30.30 1.02 2.65
CA LYS C 279 -30.13 -0.32 2.08
C LYS C 279 -29.13 -1.18 2.86
N ILE C 280 -28.12 -0.53 3.45
CA ILE C 280 -27.07 -1.27 4.16
C ILE C 280 -27.65 -2.28 5.15
N LYS C 281 -28.83 -1.97 5.67
CA LYS C 281 -29.55 -2.89 6.55
C LYS C 281 -30.22 -3.98 5.71
N LYS C 282 -30.95 -3.56 4.68
CA LYS C 282 -31.77 -4.44 3.86
C LYS C 282 -30.96 -5.39 2.96
N SER C 283 -29.78 -4.92 2.54
CA SER C 283 -28.95 -5.71 1.62
C SER C 283 -27.50 -5.80 2.09
N PRO C 284 -26.91 -7.00 1.97
CA PRO C 284 -25.51 -7.21 2.34
C PRO C 284 -24.56 -6.78 1.22
N LEU C 285 -23.42 -6.22 1.59
CA LEU C 285 -22.43 -5.74 0.63
C LEU C 285 -21.93 -6.91 -0.21
N THR C 286 -22.01 -8.10 0.36
CA THR C 286 -21.51 -9.33 -0.25
C THR C 286 -22.12 -9.61 -1.63
N ILE C 287 -23.09 -8.79 -2.05
CA ILE C 287 -23.64 -8.90 -3.39
C ILE C 287 -22.76 -8.19 -4.41
N CYS C 288 -21.90 -7.29 -3.93
CA CYS C 288 -21.00 -6.52 -4.78
C CYS C 288 -19.55 -6.88 -4.50
N TYR C 289 -19.24 -7.07 -3.22
CA TYR C 289 -17.91 -7.52 -2.79
C TYR C 289 -18.04 -8.81 -1.99
N PRO C 290 -18.10 -9.95 -2.70
CA PRO C 290 -18.35 -11.28 -2.12
C PRO C 290 -17.36 -11.68 -1.04
N GLU C 291 -16.14 -11.14 -1.08
CA GLU C 291 -15.11 -11.52 -0.13
C GLU C 291 -15.11 -10.63 1.12
N TYR C 292 -16.13 -9.79 1.25
CA TYR C 292 -16.25 -8.90 2.40
C TYR C 292 -16.53 -9.70 3.66
N ALA C 293 -15.75 -9.46 4.71
CA ALA C 293 -15.83 -10.25 5.93
C ALA C 293 -16.14 -9.40 7.15
N GLY C 294 -16.79 -8.27 6.94
CA GLY C 294 -17.23 -7.43 8.04
C GLY C 294 -18.74 -7.55 8.19
N SER C 295 -19.31 -6.71 9.06
CA SER C 295 -20.76 -6.68 9.24
C SER C 295 -21.37 -5.67 8.28
N ASN C 296 -22.69 -5.55 8.32
CA ASN C 296 -23.37 -4.62 7.43
C ASN C 296 -23.87 -3.35 8.11
N THR C 297 -22.97 -2.70 8.85
CA THR C 297 -23.30 -1.44 9.51
C THR C 297 -22.85 -0.26 8.65
N TYR C 298 -23.56 0.87 8.78
CA TYR C 298 -23.25 2.08 8.01
C TYR C 298 -21.75 2.32 7.85
N GLU C 299 -21.04 2.45 8.96
CA GLU C 299 -19.64 2.87 8.92
C GLU C 299 -18.71 1.83 8.28
N GLU C 300 -18.71 0.60 8.80
CA GLU C 300 -17.75 -0.40 8.32
C GLU C 300 -17.91 -0.75 6.84
N ALA C 301 -19.14 -1.01 6.42
CA ALA C 301 -19.40 -1.35 5.02
C ALA C 301 -19.09 -0.18 4.10
N GLY C 302 -19.41 1.03 4.55
CA GLY C 302 -19.14 2.23 3.77
C GLY C 302 -17.65 2.42 3.59
N ASN C 303 -16.91 2.33 4.69
CA ASN C 303 -15.46 2.43 4.69
C ASN C 303 -14.82 1.39 3.78
N TYR C 304 -15.33 0.16 3.86
CA TYR C 304 -14.84 -0.93 3.04
C TYR C 304 -14.93 -0.55 1.57
N ILE C 305 -16.04 0.07 1.18
CA ILE C 305 -16.21 0.48 -0.21
C ILE C 305 -15.08 1.42 -0.59
N LYS C 306 -14.75 2.32 0.34
CA LYS C 306 -13.64 3.24 0.15
C LYS C 306 -12.34 2.48 -0.09
N VAL C 307 -12.07 1.52 0.77
CA VAL C 307 -10.88 0.70 0.63
C VAL C 307 -10.86 0.09 -0.77
N GLN C 308 -12.01 -0.41 -1.21
CA GLN C 308 -12.14 -1.04 -2.51
C GLN C 308 -11.74 -0.13 -3.67
N PHE C 309 -12.05 1.15 -3.53
CA PHE C 309 -11.69 2.14 -4.55
C PHE C 309 -10.23 2.56 -4.47
N LEU C 310 -9.77 2.95 -3.28
CA LEU C 310 -8.38 3.33 -3.07
C LEU C 310 -7.40 2.27 -3.56
N GLU C 311 -7.74 1.01 -3.34
CA GLU C 311 -6.86 -0.10 -3.69
C GLU C 311 -6.66 -0.23 -5.20
N LEU C 312 -7.51 0.42 -5.98
CA LEU C 312 -7.37 0.40 -7.43
C LEU C 312 -6.11 1.14 -7.88
N ASN C 313 -5.55 1.92 -6.98
CA ASN C 313 -4.45 2.82 -7.31
C ASN C 313 -3.08 2.13 -7.26
N MET C 314 -2.32 2.27 -8.33
CA MET C 314 -0.96 1.70 -8.41
C MET C 314 0.09 2.76 -8.70
N ARG C 315 -0.25 3.72 -9.57
CA ARG C 315 0.72 4.67 -10.06
C ARG C 315 1.31 5.51 -8.94
N ARG C 316 0.47 6.22 -8.21
CA ARG C 316 0.94 7.11 -7.15
C ARG C 316 1.56 6.29 -6.01
N ASP C 317 2.59 6.84 -5.37
CA ASP C 317 3.23 6.19 -4.23
C ASP C 317 2.49 6.47 -2.91
N VAL C 318 1.55 7.42 -2.95
CA VAL C 318 0.73 7.77 -1.79
C VAL C 318 -0.76 7.84 -2.16
N LYS C 319 -1.63 7.60 -1.18
CA LYS C 319 -3.08 7.62 -1.38
C LYS C 319 -3.66 9.01 -1.63
N GLU C 320 -4.98 9.08 -1.65
CA GLU C 320 -5.72 10.32 -1.93
C GLU C 320 -5.34 11.47 -1.02
N ILE C 321 -5.58 12.68 -1.49
CA ILE C 321 -5.39 13.88 -0.68
C ILE C 321 -6.65 14.12 0.18
N TYR C 322 -7.71 13.36 -0.12
CA TYR C 322 -8.96 13.45 0.62
C TYR C 322 -9.94 12.33 0.21
N SER C 323 -10.91 12.06 1.08
CA SER C 323 -11.94 11.09 0.81
C SER C 323 -13.04 11.24 1.85
N HIS C 324 -14.28 11.43 1.41
CA HIS C 324 -15.37 11.64 2.37
C HIS C 324 -16.72 11.06 1.92
N MET C 325 -17.55 10.74 2.91
CA MET C 325 -18.94 10.41 2.69
C MET C 325 -19.72 11.69 2.43
N THR C 326 -20.46 11.73 1.34
CA THR C 326 -21.21 12.93 0.98
C THR C 326 -22.65 12.65 0.62
N CYS C 327 -23.55 13.53 1.07
CA CYS C 327 -24.87 13.61 0.47
C CYS C 327 -24.94 14.84 -0.42
N ALA C 328 -24.79 14.62 -1.72
CA ALA C 328 -24.71 15.71 -2.69
C ALA C 328 -25.94 16.59 -2.65
N THR C 329 -27.07 15.98 -2.27
CA THR C 329 -28.33 16.69 -2.29
C THR C 329 -28.51 17.51 -1.01
N ASP C 330 -27.90 17.07 0.08
CA ASP C 330 -27.94 17.83 1.30
C ASP C 330 -27.00 19.02 1.20
N THR C 331 -27.57 20.21 1.11
CA THR C 331 -26.79 21.43 1.01
C THR C 331 -25.85 21.65 2.20
N GLN C 332 -26.34 21.41 3.40
CA GLN C 332 -25.55 21.66 4.60
C GLN C 332 -24.29 20.80 4.66
N ASN C 333 -24.40 19.57 4.16
CA ASN C 333 -23.27 18.65 4.11
C ASN C 333 -22.27 19.04 3.02
N VAL C 334 -22.77 19.19 1.79
CA VAL C 334 -21.92 19.54 0.67
C VAL C 334 -21.06 20.76 1.01
N LYS C 335 -21.65 21.73 1.70
CA LYS C 335 -20.94 22.95 2.05
C LYS C 335 -19.79 22.65 2.99
N PHE C 336 -20.00 21.70 3.90
CA PHE C 336 -18.98 21.35 4.88
C PHE C 336 -17.79 20.62 4.24
N VAL C 337 -18.09 19.61 3.41
CA VAL C 337 -17.03 18.84 2.77
C VAL C 337 -16.24 19.70 1.80
N PHE C 338 -16.94 20.56 1.05
CA PHE C 338 -16.25 21.39 0.08
C PHE C 338 -15.36 22.40 0.77
N ASP C 339 -15.69 22.73 2.02
CA ASP C 339 -14.87 23.64 2.82
C ASP C 339 -13.56 22.96 3.20
N ALA C 340 -13.62 21.66 3.49
CA ALA C 340 -12.43 20.89 3.80
C ALA C 340 -11.56 20.77 2.55
N VAL C 341 -12.17 20.37 1.44
CA VAL C 341 -11.48 20.22 0.17
C VAL C 341 -10.73 21.50 -0.21
N THR C 342 -11.39 22.63 -0.06
CA THR C 342 -10.80 23.92 -0.38
C THR C 342 -9.62 24.21 0.54
N ASP C 343 -9.77 23.90 1.84
CA ASP C 343 -8.67 24.04 2.77
C ASP C 343 -7.47 23.27 2.26
N ILE C 344 -7.72 22.01 1.90
CA ILE C 344 -6.67 21.11 1.44
C ILE C 344 -6.06 21.53 0.12
N ILE C 345 -6.89 22.01 -0.80
CA ILE C 345 -6.39 22.49 -2.08
C ILE C 345 -5.56 23.75 -1.89
N ILE C 346 -6.05 24.66 -1.07
CA ILE C 346 -5.35 25.92 -0.78
C ILE C 346 -4.01 25.67 -0.12
N LYS C 347 -3.95 24.66 0.75
CA LYS C 347 -2.69 24.31 1.41
C LYS C 347 -1.66 23.82 0.40
N GLU C 348 -2.11 22.99 -0.54
CA GLU C 348 -1.26 22.44 -1.59
C GLU C 348 -0.77 23.50 -2.57
N ASN C 349 -1.62 24.50 -2.82
CA ASN C 349 -1.30 25.57 -3.77
C ASN C 349 -0.57 26.73 -3.08
N LEU C 350 0.37 27.34 -3.80
CA LEU C 350 1.14 28.47 -3.26
C LEU C 350 1.36 29.56 -4.32
N LYS C 351 1.61 30.79 -3.87
CA LYS C 351 1.96 31.89 -4.77
C LYS C 351 2.85 32.93 -4.09
N ASP C 352 3.44 33.81 -4.89
CA ASP C 352 4.35 34.83 -4.38
C ASP C 352 4.29 36.12 -5.21
N CYS C 353 3.73 37.17 -4.63
CA CYS C 353 3.54 38.44 -5.33
C CYS C 353 4.81 39.29 -5.44
N GLY C 354 5.07 39.80 -6.64
CA GLY C 354 6.15 40.76 -6.87
C GLY C 354 5.55 42.09 -7.29
N LEU C 355 4.49 42.49 -6.60
CA LEU C 355 3.77 43.73 -6.89
C LEU C 355 4.57 44.95 -6.43
N PHE C 356 4.63 45.97 -7.29
CA PHE C 356 5.35 47.20 -6.97
C PHE C 356 4.57 48.43 -7.42
PB GDP D . 25.82 6.54 18.82
O1B GDP D . 25.98 7.72 19.70
O2B GDP D . 26.80 5.44 18.98
O3B GDP D . 25.62 6.88 17.40
O3A GDP D . 24.39 5.89 19.25
PA GDP D . 24.09 4.49 20.00
O1A GDP D . 24.65 4.52 21.38
O2A GDP D . 24.44 3.37 19.08
O5' GDP D . 22.47 4.58 20.07
C5' GDP D . 21.79 5.46 20.97
C4' GDP D . 20.71 4.69 21.74
O4' GDP D . 19.67 4.33 20.83
C3' GDP D . 21.15 3.39 22.41
O3' GDP D . 20.50 3.28 23.69
C2' GDP D . 20.67 2.30 21.46
O2' GDP D . 20.38 1.06 22.14
C1' GDP D . 19.40 2.92 20.88
N9 GDP D . 19.12 2.48 19.49
C8 GDP D . 19.98 2.50 18.49
N7 GDP D . 19.35 2.14 17.37
C5 GDP D . 18.09 1.91 17.67
C6 GDP D . 17.06 1.52 16.92
O6 GDP D . 17.08 1.29 15.73
N1 GDP D . 15.84 1.39 17.56
C2 GDP D . 15.71 1.63 18.93
N2 GDP D . 14.51 1.46 19.49
N3 GDP D . 16.79 2.01 19.62
C4 GDP D . 17.95 2.14 18.97
PB GDP E . 1.93 -20.64 -6.21
O1B GDP E . 2.76 -21.63 -5.46
O2B GDP E . 1.65 -20.97 -7.61
O3B GDP E . 2.43 -19.25 -6.05
O3A GDP E . 0.50 -20.61 -5.45
PA GDP E . -0.94 -21.13 -6.00
O1A GDP E . -0.92 -22.60 -6.20
O2A GDP E . -1.41 -20.25 -7.10
O5' GDP E . -1.83 -20.75 -4.69
C5' GDP E . -1.77 -21.51 -3.48
C4' GDP E . -3.18 -21.88 -3.01
O4' GDP E . -3.86 -20.69 -2.58
C3' GDP E . -4.08 -22.52 -4.06
O3' GDP E . -4.86 -23.56 -3.44
C2' GDP E . -5.00 -21.38 -4.52
O2' GDP E . -6.29 -21.84 -4.97
C1' GDP E . -5.12 -20.54 -3.25
N9 GDP E . -5.29 -19.09 -3.53
C8 GDP E . -4.54 -18.37 -4.33
N7 GDP E . -4.92 -17.10 -4.26
C5 GDP E . -5.91 -17.03 -3.38
C6 GDP E . -6.63 -15.99 -2.96
O6 GDP E . -6.52 -14.83 -3.31
N1 GDP E . -7.61 -16.27 -2.02
C2 GDP E . -7.83 -17.56 -1.55
N2 GDP E . -8.78 -17.77 -0.65
N3 GDP E . -7.05 -18.55 -2.03
C4 GDP E . -6.13 -18.25 -2.93
PB GDP F . -24.76 12.86 -12.83
O1B GDP F . -25.16 11.95 -13.93
O2B GDP F . -24.82 14.32 -13.12
O3B GDP F . -23.48 12.49 -12.20
O3A GDP F . -25.82 12.61 -11.64
PA GDP F . -26.98 13.60 -11.08
O1A GDP F . -28.00 13.85 -12.13
O2A GDP F . -26.34 14.74 -10.38
O5' GDP F . -27.59 12.62 -9.93
C5' GDP F . -28.40 11.50 -10.24
C4' GDP F . -29.69 11.52 -9.40
O4' GDP F . -29.35 11.27 -8.03
C3' GDP F . -30.47 12.84 -9.40
O3' GDP F . -31.88 12.55 -9.43
C2' GDP F . -30.09 13.50 -8.08
O2' GDP F . -31.13 14.36 -7.56
C1' GDP F . -29.87 12.30 -7.17
N9 GDP F . -28.84 12.53 -6.13
C8 GDP F . -27.64 13.03 -6.33
N7 GDP F . -26.96 13.00 -5.18
C5 GDP F . -27.75 12.49 -4.25
C6 GDP F . -27.55 12.26 -2.96
O6 GDP F . -26.54 12.50 -2.31
N1 GDP F . -28.61 11.69 -2.27
C2 GDP F . -29.81 11.38 -2.90
N2 GDP F . -30.78 10.84 -2.18
N3 GDP F . -29.93 11.64 -4.20
C4 GDP F . -28.90 12.19 -4.84
#